data_3E9R
#
_entry.id   3E9R
#
_cell.length_a   48.989
_cell.length_b   119.995
_cell.length_c   130.982
_cell.angle_alpha   90.000
_cell.angle_beta   90.000
_cell.angle_gamma   90.000
#
_symmetry.space_group_name_H-M   'P 21 21 21'
#
loop_
_entity.id
_entity.type
_entity.pdbx_description
1 polymer 'Purine-nucleoside phosphorylase'
2 non-polymer 'SULFATE ION'
3 non-polymer 'ACETATE ION'
4 non-polymer 'DIMETHYL SULFOXIDE'
5 non-polymer ADENINE
6 water water
#
_entity_poly.entity_id   1
_entity_poly.type   'polypeptide(L)'
_entity_poly.pdbx_seq_one_letter_code
;MHESVTANIENVKKVAHHIQKLTSIVPEIGIICGSGLGKLADGVKDKITIPYTKIPNFPQTSVVGHSGNLIFGTLSGRKV
VVMQGRFHMYEGYSNDTVALPIRVMKLLGVKILMVSNAAGGLNRSLKLGDFVILKDHIYLPGLGLNNILVGPNQEAFGTR
FPALSNAYDRDLRKLAVQVAEENGFGNLVHQGVYVMNGGPCYETPAECTMLLNMGCDVVGMSTIPEVVIARHCGIQVFAV
SLVTNISVLDVESDLKPNHEEVLATGAQRAELMQSWFEKIIEKLPKD
;
_entity_poly.pdbx_strand_id   A,B,C
#
# COMPACT_ATOMS: atom_id res chain seq x y z
N GLU A 3 -19.82 -0.18 13.74
CA GLU A 3 -19.54 -0.03 12.31
C GLU A 3 -18.85 -1.27 11.76
N SER A 4 -19.28 -1.73 10.58
CA SER A 4 -20.38 -1.12 9.84
C SER A 4 -21.12 -2.15 8.97
N VAL A 5 -21.94 -1.67 8.03
CA VAL A 5 -22.85 -2.54 7.28
C VAL A 5 -22.20 -3.28 6.10
N THR A 6 -22.24 -4.61 6.14
CA THR A 6 -21.55 -5.43 5.13
C THR A 6 -22.27 -5.34 3.79
N ALA A 7 -21.52 -5.10 2.71
CA ALA A 7 -22.10 -5.00 1.37
C ALA A 7 -22.40 -6.38 0.78
N ASN A 8 -23.06 -7.20 1.57
CA ASN A 8 -23.47 -8.54 1.12
C ASN A 8 -24.87 -8.51 0.54
N ILE A 9 -25.33 -9.62 -0.03
CA ILE A 9 -26.60 -9.62 -0.77
C ILE A 9 -27.80 -9.28 0.12
N GLU A 10 -27.78 -9.74 1.36
CA GLU A 10 -28.88 -9.48 2.28
C GLU A 10 -29.06 -7.99 2.54
N ASN A 11 -27.96 -7.33 2.94
CA ASN A 11 -28.01 -5.91 3.24
C ASN A 11 -28.27 -5.07 1.99
N VAL A 12 -27.67 -5.44 0.87
CA VAL A 12 -27.86 -4.68 -0.35
C VAL A 12 -29.31 -4.80 -0.86
N LYS A 13 -29.90 -5.99 -0.67
CA LYS A 13 -31.30 -6.21 -1.04
C LYS A 13 -32.25 -5.36 -0.19
N LYS A 14 -31.96 -5.24 1.10
CA LYS A 14 -32.77 -4.43 2.00
C LYS A 14 -32.76 -2.98 1.56
N VAL A 15 -31.57 -2.46 1.25
CA VAL A 15 -31.46 -1.08 0.85
C VAL A 15 -32.24 -0.88 -0.44
N ALA A 16 -31.99 -1.74 -1.42
CA ALA A 16 -32.63 -1.61 -2.72
C ALA A 16 -34.16 -1.64 -2.58
N HIS A 17 -34.67 -2.55 -1.75
CA HIS A 17 -36.12 -2.66 -1.57
C HIS A 17 -36.73 -1.43 -0.90
N HIS A 18 -35.99 -0.83 0.01
CA HIS A 18 -36.41 0.45 0.58
C HIS A 18 -36.50 1.54 -0.50
N ILE A 19 -35.45 1.67 -1.31
CA ILE A 19 -35.45 2.66 -2.38
C ILE A 19 -36.61 2.40 -3.34
N GLN A 20 -36.92 1.12 -3.57
CA GLN A 20 -38.00 0.76 -4.49
C GLN A 20 -39.38 1.06 -3.94
N LYS A 21 -39.47 1.34 -2.64
CA LYS A 21 -40.72 1.79 -2.05
C LYS A 21 -40.89 3.29 -2.26
N LEU A 22 -39.79 3.95 -2.61
CA LEU A 22 -39.79 5.40 -2.78
C LEU A 22 -39.96 5.82 -4.24
N THR A 23 -39.45 5.01 -5.15
CA THR A 23 -39.54 5.30 -6.58
C THR A 23 -39.82 4.03 -7.37
N SER A 24 -40.47 4.18 -8.51
CA SER A 24 -40.69 3.04 -9.39
C SER A 24 -39.73 3.11 -10.58
N ILE A 25 -38.93 4.16 -10.61
CA ILE A 25 -37.95 4.34 -11.68
C ILE A 25 -36.87 3.26 -11.64
N VAL A 26 -36.72 2.55 -12.75
CA VAL A 26 -35.70 1.52 -12.86
C VAL A 26 -34.53 2.06 -13.65
N PRO A 27 -33.46 2.45 -12.93
CA PRO A 27 -32.29 3.06 -13.60
C PRO A 27 -31.56 2.06 -14.50
N GLU A 28 -31.18 2.48 -15.70
CA GLU A 28 -30.33 1.64 -16.54
C GLU A 28 -28.89 2.15 -16.50
N ILE A 29 -28.73 3.40 -16.11
CA ILE A 29 -27.43 4.04 -16.04
C ILE A 29 -27.23 4.65 -14.66
N GLY A 30 -26.06 4.43 -14.08
CA GLY A 30 -25.72 5.01 -12.80
C GLY A 30 -24.66 6.07 -13.03
N ILE A 31 -24.74 7.17 -12.31
CA ILE A 31 -23.79 8.25 -12.49
C ILE A 31 -23.22 8.72 -11.15
N ILE A 32 -21.91 8.68 -11.02
CA ILE A 32 -21.27 9.26 -9.86
C ILE A 32 -20.71 10.65 -10.22
N CYS A 33 -21.31 11.67 -9.63
CA CYS A 33 -20.87 13.04 -9.86
C CYS A 33 -19.52 13.27 -9.22
N GLY A 34 -18.53 13.53 -10.05
CA GLY A 34 -17.24 13.96 -9.55
C GLY A 34 -17.09 15.38 -10.03
N SER A 35 -15.85 15.86 -10.01
CA SER A 35 -15.51 17.13 -10.64
C SER A 35 -16.19 17.29 -12.01
N GLY A 36 -16.75 18.47 -12.25
CA GLY A 36 -17.34 18.79 -13.54
C GLY A 36 -18.78 18.36 -13.73
N LEU A 37 -19.32 17.58 -12.80
CA LEU A 37 -20.68 17.07 -12.93
C LEU A 37 -21.58 17.67 -11.85
N GLY A 38 -21.16 18.79 -11.29
CA GLY A 38 -21.92 19.45 -10.24
C GLY A 38 -23.33 19.84 -10.69
N LYS A 39 -23.47 20.17 -11.96
CA LYS A 39 -24.76 20.60 -12.49
C LYS A 39 -25.69 19.45 -12.83
N LEU A 40 -25.15 18.25 -12.96
CA LEU A 40 -25.90 17.11 -13.49
C LEU A 40 -27.24 16.89 -12.78
N ALA A 41 -27.23 16.93 -11.45
CA ALA A 41 -28.45 16.76 -10.67
C ALA A 41 -29.59 17.63 -11.19
N ASP A 42 -29.27 18.87 -11.52
CA ASP A 42 -30.26 19.82 -11.98
C ASP A 42 -30.79 19.48 -13.38
N GLY A 43 -29.98 18.78 -14.17
CA GLY A 43 -30.38 18.41 -15.52
C GLY A 43 -31.36 17.25 -15.59
N VAL A 44 -31.39 16.43 -14.56
CA VAL A 44 -32.24 15.23 -14.55
C VAL A 44 -33.71 15.62 -14.44
N LYS A 45 -34.53 15.11 -15.33
CA LYS A 45 -35.94 15.50 -15.41
C LYS A 45 -36.88 14.47 -14.79
N ASP A 46 -38.09 14.92 -14.44
CA ASP A 46 -39.12 14.06 -13.89
C ASP A 46 -38.52 13.24 -12.74
N LYS A 47 -37.81 13.92 -11.85
CA LYS A 47 -36.93 13.25 -10.91
C LYS A 47 -37.47 13.14 -9.49
N ILE A 48 -36.90 12.21 -8.73
CA ILE A 48 -37.10 12.15 -7.29
C ILE A 48 -35.74 12.19 -6.60
N THR A 49 -35.61 13.06 -5.61
CA THR A 49 -34.36 13.19 -4.87
C THR A 49 -34.50 12.55 -3.49
N ILE A 50 -33.60 11.62 -3.19
CA ILE A 50 -33.65 10.88 -1.94
C ILE A 50 -32.37 11.10 -1.15
N PRO A 51 -32.44 11.91 -0.08
CA PRO A 51 -31.25 12.15 0.76
C PRO A 51 -30.72 10.83 1.30
N TYR A 52 -29.41 10.69 1.37
CA TYR A 52 -28.85 9.44 1.91
C TYR A 52 -29.39 9.20 3.32
N THR A 53 -29.65 10.28 4.05
CA THR A 53 -30.11 10.19 5.44
C THR A 53 -31.48 9.52 5.56
N LYS A 54 -32.20 9.48 4.45
CA LYS A 54 -33.53 8.88 4.48
C LYS A 54 -33.52 7.44 4.01
N ILE A 55 -32.34 6.90 3.75
CA ILE A 55 -32.21 5.50 3.35
C ILE A 55 -31.52 4.67 4.43
N PRO A 56 -32.28 3.84 5.16
CA PRO A 56 -31.71 3.00 6.21
C PRO A 56 -30.52 2.17 5.72
N ASN A 57 -29.43 2.16 6.49
CA ASN A 57 -28.22 1.39 6.19
C ASN A 57 -27.50 1.81 4.93
N PHE A 58 -27.86 2.95 4.38
CA PHE A 58 -27.09 3.54 3.31
C PHE A 58 -26.03 4.44 3.95
N PRO A 59 -24.82 4.47 3.36
CA PRO A 59 -23.71 5.26 3.90
C PRO A 59 -24.02 6.75 3.88
N GLN A 60 -23.45 7.50 4.82
CA GLN A 60 -23.71 8.93 4.94
C GLN A 60 -22.48 9.80 4.64
N THR A 61 -22.73 10.89 3.94
CA THR A 61 -21.69 11.85 3.57
C THR A 61 -22.36 13.19 3.25
N SER A 62 -21.59 14.27 3.34
CA SER A 62 -22.12 15.62 3.09
C SER A 62 -21.57 16.21 1.79
N VAL A 63 -22.45 16.88 1.04
CA VAL A 63 -22.04 17.68 -0.12
C VAL A 63 -22.46 19.12 0.17
N VAL A 64 -21.54 20.06 -0.01
CA VAL A 64 -21.73 21.40 0.53
C VAL A 64 -21.92 21.24 2.03
N GLY A 65 -23.10 21.59 2.53
CA GLY A 65 -23.39 21.46 3.95
C GLY A 65 -24.56 20.55 4.25
N HIS A 66 -24.95 19.75 3.25
CA HIS A 66 -26.12 18.89 3.39
C HIS A 66 -25.80 17.45 3.05
N SER A 67 -26.71 16.55 3.42
CA SER A 67 -26.59 15.15 3.08
C SER A 67 -26.43 14.97 1.57
N GLY A 68 -25.65 13.97 1.18
CA GLY A 68 -25.63 13.57 -0.22
C GLY A 68 -27.01 13.08 -0.60
N ASN A 69 -27.27 12.95 -1.89
CA ASN A 69 -28.57 12.51 -2.38
C ASN A 69 -28.46 11.42 -3.44
N LEU A 70 -29.45 10.54 -3.47
CA LEU A 70 -29.62 9.63 -4.59
C LEU A 70 -30.72 10.21 -5.47
N ILE A 71 -30.41 10.50 -6.74
CA ILE A 71 -31.39 11.13 -7.61
C ILE A 71 -31.82 10.20 -8.73
N PHE A 72 -33.12 9.98 -8.83
CA PHE A 72 -33.70 9.12 -9.86
C PHE A 72 -34.49 9.96 -10.84
N GLY A 73 -34.36 9.64 -12.13
CA GLY A 73 -35.11 10.35 -13.13
C GLY A 73 -34.67 10.02 -14.54
N THR A 74 -34.95 10.94 -15.45
CA THR A 74 -34.68 10.75 -16.87
C THR A 74 -33.62 11.74 -17.33
N LEU A 75 -32.66 11.23 -18.09
CA LEU A 75 -31.60 12.06 -18.64
C LEU A 75 -31.42 11.61 -20.09
N SER A 76 -31.52 12.55 -21.03
CA SER A 76 -31.40 12.19 -22.44
C SER A 76 -32.31 11.00 -22.77
N GLY A 77 -33.54 11.04 -22.26
CA GLY A 77 -34.51 9.99 -22.56
C GLY A 77 -34.27 8.65 -21.92
N ARG A 78 -33.25 8.56 -21.07
CA ARG A 78 -32.92 7.30 -20.40
C ARG A 78 -33.09 7.44 -18.89
N LYS A 79 -33.40 6.34 -18.21
CA LYS A 79 -33.62 6.37 -16.76
C LYS A 79 -32.27 6.25 -16.07
N VAL A 80 -32.01 7.14 -15.11
CA VAL A 80 -30.73 7.16 -14.43
C VAL A 80 -30.87 7.27 -12.93
N VAL A 81 -29.83 6.82 -12.24
CA VAL A 81 -29.67 7.09 -10.83
C VAL A 81 -28.34 7.83 -10.65
N VAL A 82 -28.40 8.98 -10.01
CA VAL A 82 -27.22 9.80 -9.83
C VAL A 82 -26.84 9.85 -8.36
N MET A 83 -25.57 9.56 -8.06
CA MET A 83 -25.08 9.73 -6.71
C MET A 83 -24.53 11.13 -6.55
N GLN A 84 -25.23 11.95 -5.76
CA GLN A 84 -24.74 13.27 -5.46
C GLN A 84 -24.12 13.22 -4.06
N GLY A 85 -22.79 13.10 -4.01
CA GLY A 85 -22.08 12.80 -2.80
C GLY A 85 -21.41 11.43 -2.91
N ARG A 86 -20.09 11.41 -2.89
CA ARG A 86 -19.37 10.16 -3.10
C ARG A 86 -18.50 9.87 -1.88
N PHE A 87 -17.94 8.66 -1.85
CA PHE A 87 -17.28 8.18 -0.64
C PHE A 87 -15.81 7.94 -0.95
N HIS A 88 -14.97 8.81 -0.40
CA HIS A 88 -13.53 8.75 -0.63
C HIS A 88 -12.82 8.00 0.49
N MET A 89 -11.89 7.13 0.13
CA MET A 89 -11.16 6.37 1.12
C MET A 89 -10.33 7.26 2.04
N TYR A 90 -9.86 8.41 1.56
CA TYR A 90 -9.05 9.27 2.43
C TYR A 90 -9.89 9.85 3.57
N GLU A 91 -11.23 9.80 3.44
CA GLU A 91 -12.09 10.24 4.53
C GLU A 91 -12.20 9.22 5.66
N GLY A 92 -11.73 8.00 5.43
CA GLY A 92 -11.80 6.97 6.45
C GLY A 92 -12.94 5.98 6.23
N TYR A 93 -13.66 6.08 5.12
CA TYR A 93 -14.73 5.12 4.84
C TYR A 93 -14.19 3.70 4.62
N SER A 94 -15.03 2.72 4.95
CA SER A 94 -14.65 1.31 4.79
C SER A 94 -14.85 0.82 3.36
N ASN A 95 -14.31 -0.35 3.05
CA ASN A 95 -14.55 -0.98 1.76
C ASN A 95 -16.03 -1.26 1.55
N ASP A 96 -16.71 -1.71 2.61
CA ASP A 96 -18.11 -2.05 2.50
C ASP A 96 -18.94 -0.80 2.19
N THR A 97 -18.63 0.29 2.89
CA THR A 97 -19.29 1.58 2.65
C THR A 97 -19.17 2.03 1.19
N VAL A 98 -17.96 1.98 0.62
CA VAL A 98 -17.79 2.40 -0.76
C VAL A 98 -18.51 1.44 -1.72
N ALA A 99 -18.52 0.16 -1.38
CA ALA A 99 -19.04 -0.85 -2.31
C ALA A 99 -20.57 -0.92 -2.30
N LEU A 100 -21.18 -0.64 -1.17
CA LEU A 100 -22.63 -0.85 -1.06
C LEU A 100 -23.44 -0.09 -2.11
N PRO A 101 -23.19 1.22 -2.29
CA PRO A 101 -23.98 1.95 -3.29
C PRO A 101 -23.86 1.38 -4.71
N ILE A 102 -22.69 0.88 -5.09
CA ILE A 102 -22.52 0.32 -6.44
C ILE A 102 -23.34 -0.95 -6.55
N ARG A 103 -23.26 -1.78 -5.52
CA ARG A 103 -24.05 -3.02 -5.49
C ARG A 103 -25.55 -2.74 -5.43
N VAL A 104 -25.94 -1.64 -4.79
CA VAL A 104 -27.35 -1.25 -4.81
C VAL A 104 -27.77 -0.88 -6.23
N MET A 105 -26.93 -0.12 -6.93
CA MET A 105 -27.19 0.21 -8.33
C MET A 105 -27.43 -1.05 -9.15
N LYS A 106 -26.59 -2.06 -8.97
CA LYS A 106 -26.75 -3.33 -9.70
C LYS A 106 -28.13 -3.94 -9.47
N LEU A 107 -28.54 -4.01 -8.20
CA LEU A 107 -29.86 -4.60 -7.88
C LEU A 107 -31.00 -3.74 -8.41
N LEU A 108 -30.76 -2.45 -8.59
CA LEU A 108 -31.80 -1.56 -9.09
C LEU A 108 -31.99 -1.69 -10.61
N GLY A 109 -30.99 -2.25 -11.30
CA GLY A 109 -31.10 -2.45 -12.74
C GLY A 109 -30.01 -1.75 -13.54
N VAL A 110 -29.02 -1.18 -12.86
CA VAL A 110 -28.00 -0.41 -13.56
C VAL A 110 -27.13 -1.31 -14.43
N LYS A 111 -26.91 -0.90 -15.68
CA LYS A 111 -26.11 -1.66 -16.64
C LYS A 111 -24.79 -0.96 -16.97
N ILE A 112 -24.79 0.37 -16.89
CA ILE A 112 -23.61 1.17 -17.21
C ILE A 112 -23.37 2.21 -16.12
N LEU A 113 -22.13 2.26 -15.62
CA LEU A 113 -21.73 3.28 -14.66
C LEU A 113 -20.86 4.34 -15.34
N MET A 114 -21.27 5.61 -15.24
CA MET A 114 -20.45 6.71 -15.75
C MET A 114 -19.96 7.49 -14.55
N VAL A 115 -18.66 7.81 -14.54
CA VAL A 115 -18.08 8.51 -13.41
C VAL A 115 -17.15 9.62 -13.88
N SER A 116 -17.11 10.73 -13.16
CA SER A 116 -16.08 11.73 -13.39
C SER A 116 -15.27 11.91 -12.11
N ASN A 117 -14.09 12.51 -12.24
CA ASN A 117 -13.27 12.81 -11.06
C ASN A 117 -12.31 13.92 -11.43
N ALA A 118 -11.71 14.55 -10.42
CA ALA A 118 -10.67 15.54 -10.64
C ALA A 118 -9.35 14.82 -10.51
N ALA A 119 -8.37 15.17 -11.35
CA ALA A 119 -7.06 14.50 -11.33
C ALA A 119 -5.95 15.48 -11.65
N GLY A 120 -4.74 15.16 -11.19
CA GLY A 120 -3.56 15.91 -11.58
C GLY A 120 -3.02 15.37 -12.90
N GLY A 121 -2.61 16.27 -13.78
CA GLY A 121 -2.08 15.85 -15.07
C GLY A 121 -0.60 15.55 -15.00
N LEU A 122 -0.25 14.27 -15.08
CA LEU A 122 1.15 13.84 -15.11
C LEU A 122 1.73 13.93 -16.52
N ASN A 123 1.04 13.31 -17.46
CA ASN A 123 1.43 13.39 -18.88
C ASN A 123 1.71 14.85 -19.26
N ARG A 124 2.85 15.11 -19.87
CA ARG A 124 3.29 16.49 -20.11
C ARG A 124 2.61 17.17 -21.29
N SER A 125 1.87 16.40 -22.09
CA SER A 125 1.14 16.98 -23.21
C SER A 125 -0.23 17.49 -22.75
N LEU A 126 -0.62 17.17 -21.51
CA LEU A 126 -1.92 17.59 -21.01
C LEU A 126 -1.98 19.07 -20.70
N LYS A 127 -3.16 19.66 -20.90
CA LYS A 127 -3.41 21.04 -20.54
C LYS A 127 -4.48 21.09 -19.47
N LEU A 128 -4.46 22.16 -18.67
CA LEU A 128 -5.46 22.31 -17.62
C LEU A 128 -6.88 22.34 -18.21
N GLY A 129 -7.80 21.60 -17.59
CA GLY A 129 -9.18 21.58 -18.08
C GLY A 129 -9.41 20.57 -19.19
N ASP A 130 -8.38 19.83 -19.55
CA ASP A 130 -8.58 18.73 -20.50
C ASP A 130 -9.39 17.60 -19.88
N PHE A 131 -9.94 16.75 -20.74
CA PHE A 131 -10.66 15.56 -20.33
C PHE A 131 -9.82 14.35 -20.67
N VAL A 132 -9.53 13.52 -19.69
CA VAL A 132 -8.82 12.28 -19.95
C VAL A 132 -9.73 11.12 -19.64
N ILE A 133 -10.28 10.50 -20.68
CA ILE A 133 -11.05 9.30 -20.54
C ILE A 133 -10.15 8.19 -20.00
N LEU A 134 -10.58 7.51 -18.95
CA LEU A 134 -9.77 6.42 -18.44
C LEU A 134 -9.86 5.22 -19.37
N LYS A 135 -8.70 4.72 -19.81
CA LYS A 135 -8.69 3.50 -20.60
C LYS A 135 -8.08 2.35 -19.79
N ASP A 136 -7.50 2.68 -18.64
CA ASP A 136 -6.90 1.68 -17.77
C ASP A 136 -6.51 2.35 -16.45
N HIS A 137 -6.15 1.56 -15.45
CA HIS A 137 -5.70 2.18 -14.22
C HIS A 137 -4.56 1.43 -13.53
N ILE A 138 -4.01 2.08 -12.51
CA ILE A 138 -3.03 1.45 -11.63
C ILE A 138 -3.49 1.72 -10.22
N TYR A 139 -3.90 0.65 -9.55
CA TYR A 139 -4.56 0.71 -8.26
C TYR A 139 -3.49 0.47 -7.20
N LEU A 140 -2.71 1.51 -6.89
CA LEU A 140 -1.66 1.38 -5.89
C LEU A 140 -2.17 0.82 -4.55
N PRO A 141 -3.28 1.35 -4.04
CA PRO A 141 -3.79 0.74 -2.80
C PRO A 141 -4.09 -0.75 -3.00
N GLY A 142 -4.66 -1.12 -4.14
CA GLY A 142 -4.99 -2.52 -4.41
C GLY A 142 -3.76 -3.43 -4.46
N LEU A 143 -2.70 -2.98 -5.10
CA LEU A 143 -1.49 -3.78 -5.21
C LEU A 143 -0.88 -3.96 -3.83
N GLY A 144 -1.09 -2.96 -2.96
CA GLY A 144 -0.48 -2.96 -1.63
C GLY A 144 -1.35 -3.49 -0.49
N LEU A 145 -2.35 -4.32 -0.83
CA LEU A 145 -3.22 -5.02 0.14
C LEU A 145 -4.40 -4.20 0.68
N ASN A 146 -4.68 -3.06 0.05
CA ASN A 146 -5.89 -2.30 0.39
C ASN A 146 -6.91 -2.32 -0.75
N ASN A 147 -6.98 -3.43 -1.46
CA ASN A 147 -7.99 -3.59 -2.52
C ASN A 147 -9.38 -3.65 -1.89
N ILE A 148 -10.34 -2.95 -2.47
CA ILE A 148 -11.70 -2.89 -1.93
C ILE A 148 -12.35 -4.28 -1.79
N LEU A 149 -11.90 -5.25 -2.60
CA LEU A 149 -12.46 -6.61 -2.51
C LEU A 149 -11.82 -7.52 -1.46
N VAL A 150 -10.79 -7.04 -0.78
CA VAL A 150 -10.15 -7.86 0.26
C VAL A 150 -11.19 -8.31 1.27
N GLY A 151 -11.18 -9.60 1.62
CA GLY A 151 -12.21 -10.14 2.49
C GLY A 151 -12.96 -11.27 1.79
N PRO A 152 -13.91 -11.90 2.49
CA PRO A 152 -14.74 -12.94 1.87
C PRO A 152 -15.36 -12.44 0.54
N ASN A 153 -15.33 -13.27 -0.49
CA ASN A 153 -15.98 -12.88 -1.74
C ASN A 153 -17.49 -13.02 -1.63
N GLN A 154 -18.22 -12.06 -2.17
CA GLN A 154 -19.68 -12.13 -2.15
C GLN A 154 -20.16 -12.72 -3.46
N GLU A 155 -20.51 -14.01 -3.42
CA GLU A 155 -20.74 -14.77 -4.63
C GLU A 155 -21.99 -14.34 -5.36
N ALA A 156 -22.95 -13.77 -4.65
CA ALA A 156 -24.16 -13.24 -5.27
C ALA A 156 -23.80 -12.15 -6.31
N PHE A 157 -22.69 -11.46 -6.05
CA PHE A 157 -22.31 -10.33 -6.90
C PHE A 157 -21.26 -10.64 -7.95
N GLY A 158 -20.23 -11.42 -7.59
CA GLY A 158 -19.15 -11.70 -8.53
C GLY A 158 -18.20 -12.80 -8.13
N THR A 159 -17.14 -12.99 -8.92
CA THR A 159 -16.19 -14.07 -8.76
C THR A 159 -15.03 -13.66 -7.84
N ARG A 160 -14.31 -14.64 -7.30
CA ARG A 160 -13.26 -14.35 -6.30
C ARG A 160 -12.15 -13.51 -6.92
N PHE A 161 -11.77 -13.86 -8.15
CA PHE A 161 -10.65 -13.20 -8.82
C PHE A 161 -11.10 -12.52 -10.11
N PRO A 162 -11.66 -11.31 -10.00
CA PRO A 162 -12.14 -10.61 -11.19
C PRO A 162 -10.99 -10.22 -12.09
N ALA A 163 -11.17 -10.41 -13.41
CA ALA A 163 -10.22 -9.87 -14.37
C ALA A 163 -10.59 -8.42 -14.63
N LEU A 164 -9.59 -7.60 -14.93
CA LEU A 164 -9.83 -6.19 -15.17
C LEU A 164 -9.49 -5.84 -16.63
N SER A 165 -9.63 -6.83 -17.49
CA SER A 165 -9.57 -6.66 -18.94
C SER A 165 -10.79 -5.90 -19.43
N ASN A 166 -10.56 -4.89 -20.25
CA ASN A 166 -11.64 -4.09 -20.79
C ASN A 166 -12.49 -3.53 -19.67
N ALA A 167 -11.87 -3.25 -18.52
CA ALA A 167 -12.56 -2.58 -17.41
C ALA A 167 -13.20 -1.27 -17.86
N TYR A 168 -12.50 -0.50 -18.69
CA TYR A 168 -13.04 0.74 -19.20
C TYR A 168 -13.52 0.45 -20.62
N ASP A 169 -14.79 0.07 -20.69
CA ASP A 169 -15.42 -0.49 -21.87
C ASP A 169 -15.00 0.23 -23.13
N ARG A 170 -14.42 -0.52 -24.07
CA ARG A 170 -13.84 0.09 -25.25
C ARG A 170 -14.88 0.76 -26.16
N ASP A 171 -16.07 0.17 -26.23
CA ASP A 171 -17.15 0.76 -27.03
C ASP A 171 -17.67 2.08 -26.44
N LEU A 172 -17.75 2.17 -25.13
CA LEU A 172 -18.13 3.43 -24.52
C LEU A 172 -17.04 4.50 -24.74
N ARG A 173 -15.78 4.12 -24.60
CA ARG A 173 -14.68 5.04 -24.86
C ARG A 173 -14.73 5.56 -26.31
N LYS A 174 -14.98 4.66 -27.25
CA LYS A 174 -15.08 5.03 -28.66
C LYS A 174 -16.19 6.05 -28.87
N LEU A 175 -17.36 5.73 -28.33
CA LEU A 175 -18.52 6.64 -28.47
C LEU A 175 -18.25 8.03 -27.90
N ALA A 176 -17.61 8.07 -26.72
CA ALA A 176 -17.36 9.33 -26.04
C ALA A 176 -16.47 10.22 -26.88
N VAL A 177 -15.44 9.63 -27.49
CA VAL A 177 -14.54 10.37 -28.35
C VAL A 177 -15.30 10.89 -29.56
N GLN A 178 -16.14 10.05 -30.14
CA GLN A 178 -16.93 10.44 -31.30
C GLN A 178 -17.85 11.62 -30.99
N VAL A 179 -18.46 11.59 -29.81
CA VAL A 179 -19.35 12.68 -29.39
C VAL A 179 -18.60 13.99 -29.19
N ALA A 180 -17.44 13.95 -28.54
CA ALA A 180 -16.64 15.16 -28.35
C ALA A 180 -16.22 15.72 -29.71
N GLU A 181 -15.73 14.85 -30.58
CA GLU A 181 -15.32 15.24 -31.94
C GLU A 181 -16.45 15.91 -32.72
N GLU A 182 -17.61 15.27 -32.69
CA GLU A 182 -18.78 15.78 -33.41
C GLU A 182 -19.24 17.14 -32.89
N ASN A 183 -19.11 17.36 -31.58
CA ASN A 183 -19.60 18.59 -30.97
C ASN A 183 -18.53 19.66 -30.75
N GLY A 184 -17.37 19.47 -31.36
CA GLY A 184 -16.38 20.53 -31.46
C GLY A 184 -15.45 20.69 -30.29
N PHE A 185 -15.35 19.67 -29.43
CA PHE A 185 -14.35 19.73 -28.38
C PHE A 185 -13.46 18.51 -28.32
N GLY A 186 -13.28 17.88 -29.49
CA GLY A 186 -12.36 16.75 -29.61
C GLY A 186 -10.95 17.07 -29.17
N ASN A 187 -10.54 18.33 -29.31
CA ASN A 187 -9.19 18.74 -28.93
C ASN A 187 -8.95 18.75 -27.42
N LEU A 188 -10.02 18.70 -26.64
CA LEU A 188 -9.92 18.66 -25.17
C LEU A 188 -9.81 17.23 -24.66
N VAL A 189 -10.02 16.26 -25.54
CA VAL A 189 -10.16 14.87 -25.10
C VAL A 189 -8.97 13.98 -25.41
N HIS A 190 -8.51 13.30 -24.36
CA HIS A 190 -7.42 12.35 -24.44
C HIS A 190 -7.91 11.05 -23.83
N GLN A 191 -7.15 9.98 -24.01
CA GLN A 191 -7.38 8.76 -23.24
C GLN A 191 -6.09 8.43 -22.50
N GLY A 192 -6.18 7.87 -21.31
CA GLY A 192 -4.97 7.66 -20.51
C GLY A 192 -5.13 6.70 -19.36
N VAL A 193 -4.02 6.48 -18.66
CA VAL A 193 -3.98 5.62 -17.49
C VAL A 193 -4.07 6.46 -16.23
N TYR A 194 -5.00 6.11 -15.35
CA TYR A 194 -5.24 6.79 -14.07
C TYR A 194 -4.60 6.00 -12.95
N VAL A 195 -3.83 6.67 -12.11
CA VAL A 195 -3.27 6.00 -10.94
C VAL A 195 -3.89 6.61 -9.69
N MET A 196 -4.30 5.77 -8.75
CA MET A 196 -4.84 6.21 -7.48
C MET A 196 -3.76 6.38 -6.42
N ASN A 197 -3.67 7.62 -5.92
CA ASN A 197 -2.97 7.96 -4.68
C ASN A 197 -4.03 7.92 -3.58
N GLY A 198 -3.85 7.06 -2.56
CA GLY A 198 -4.79 7.06 -1.46
C GLY A 198 -5.12 8.46 -0.90
N GLY A 199 -4.12 9.33 -0.80
CA GLY A 199 -4.40 10.69 -0.35
C GLY A 199 -4.44 10.76 1.17
N PRO A 200 -4.80 11.93 1.71
CA PRO A 200 -5.32 13.12 1.04
C PRO A 200 -4.28 14.17 0.62
N CYS A 201 -2.99 13.91 0.84
CA CYS A 201 -1.96 14.84 0.38
C CYS A 201 -1.89 14.86 -1.13
N TYR A 202 -1.68 16.05 -1.69
CA TYR A 202 -1.29 16.12 -3.10
C TYR A 202 0.07 15.45 -3.24
N GLU A 203 0.40 15.02 -4.45
CA GLU A 203 1.59 14.24 -4.69
C GLU A 203 2.81 15.16 -4.65
N THR A 204 3.90 14.71 -4.04
CA THR A 204 5.16 15.45 -4.10
C THR A 204 5.71 15.40 -5.53
N PRO A 205 6.63 16.32 -5.87
CA PRO A 205 7.28 16.31 -7.18
C PRO A 205 8.00 15.00 -7.48
N ALA A 206 8.68 14.43 -6.48
CA ALA A 206 9.30 13.12 -6.65
C ALA A 206 8.27 12.02 -6.90
N GLU A 207 7.16 12.04 -6.16
CA GLU A 207 6.07 11.09 -6.42
C GLU A 207 5.51 11.26 -7.84
N CYS A 208 5.24 12.50 -8.22
CA CYS A 208 4.76 12.74 -9.59
C CYS A 208 5.71 12.21 -10.67
N THR A 209 7.01 12.43 -10.48
CA THR A 209 7.98 11.96 -11.44
C THR A 209 7.96 10.42 -11.50
N MET A 210 7.87 9.78 -10.34
CA MET A 210 7.80 8.32 -10.29
C MET A 210 6.57 7.79 -11.05
N LEU A 211 5.41 8.38 -10.76
CA LEU A 211 4.16 7.91 -11.36
C LEU A 211 4.14 8.10 -12.89
N LEU A 212 4.71 9.21 -13.35
CA LEU A 212 4.79 9.47 -14.77
C LEU A 212 5.65 8.38 -15.42
N ASN A 213 6.79 8.09 -14.79
CA ASN A 213 7.71 7.08 -15.30
C ASN A 213 7.18 5.64 -15.18
N MET A 214 6.15 5.47 -14.36
CA MET A 214 5.45 4.20 -14.26
C MET A 214 4.45 4.05 -15.40
N GLY A 215 4.32 5.08 -16.22
CA GLY A 215 3.37 5.09 -17.33
C GLY A 215 1.98 5.61 -16.99
N CYS A 216 1.87 6.41 -15.93
CA CYS A 216 0.60 7.04 -15.59
C CYS A 216 0.41 8.40 -16.27
N ASP A 217 -0.81 8.69 -16.70
CA ASP A 217 -1.13 9.96 -17.33
C ASP A 217 -1.79 10.96 -16.37
N VAL A 218 -2.66 10.47 -15.49
CA VAL A 218 -3.29 11.32 -14.49
C VAL A 218 -3.28 10.62 -13.15
N VAL A 219 -3.34 11.41 -12.09
CA VAL A 219 -3.37 10.87 -10.73
C VAL A 219 -4.49 11.49 -9.91
N GLY A 220 -5.20 10.67 -9.16
CA GLY A 220 -6.28 11.16 -8.30
C GLY A 220 -6.52 10.22 -7.14
N MET A 221 -7.51 10.55 -6.31
CA MET A 221 -7.69 9.86 -5.05
C MET A 221 -9.00 9.09 -4.96
N SER A 222 -9.63 8.81 -6.10
CA SER A 222 -10.95 8.20 -6.06
C SER A 222 -11.14 7.19 -7.18
N THR A 223 -12.40 6.77 -7.35
CA THR A 223 -12.88 6.12 -8.57
C THR A 223 -12.49 4.66 -8.75
N ILE A 224 -11.22 4.32 -8.56
CA ILE A 224 -10.84 2.94 -8.85
C ILE A 224 -11.61 1.94 -7.97
N PRO A 225 -11.80 2.23 -6.68
CA PRO A 225 -12.53 1.26 -5.86
C PRO A 225 -13.97 1.03 -6.40
N GLU A 226 -14.67 2.09 -6.79
CA GLU A 226 -16.03 1.92 -7.32
C GLU A 226 -15.97 1.15 -8.62
N VAL A 227 -14.97 1.45 -9.45
CA VAL A 227 -14.83 0.76 -10.73
C VAL A 227 -14.64 -0.77 -10.52
N VAL A 228 -13.84 -1.11 -9.53
CA VAL A 228 -13.53 -2.52 -9.26
C VAL A 228 -14.82 -3.22 -8.82
N ILE A 229 -15.58 -2.54 -7.97
CA ILE A 229 -16.84 -3.11 -7.53
C ILE A 229 -17.84 -3.24 -8.68
N ALA A 230 -17.92 -2.22 -9.54
CA ALA A 230 -18.79 -2.29 -10.72
C ALA A 230 -18.42 -3.47 -11.63
N ARG A 231 -17.13 -3.61 -11.93
CA ARG A 231 -16.68 -4.67 -12.83
C ARG A 231 -16.94 -6.06 -12.22
N HIS A 232 -16.61 -6.22 -10.95
CA HIS A 232 -16.91 -7.45 -10.21
C HIS A 232 -18.37 -7.92 -10.39
N CYS A 233 -19.31 -6.98 -10.32
CA CYS A 233 -20.71 -7.36 -10.48
C CYS A 233 -21.26 -7.18 -11.89
N GLY A 234 -20.39 -6.92 -12.86
CA GLY A 234 -20.78 -6.97 -14.26
C GLY A 234 -21.29 -5.68 -14.87
N ILE A 235 -21.12 -4.57 -14.15
CA ILE A 235 -21.55 -3.26 -14.65
C ILE A 235 -20.48 -2.69 -15.58
N GLN A 236 -20.89 -2.25 -16.76
CA GLN A 236 -19.93 -1.65 -17.70
C GLN A 236 -19.58 -0.26 -17.22
N VAL A 237 -18.33 0.14 -17.43
CA VAL A 237 -17.84 1.38 -16.83
C VAL A 237 -17.31 2.38 -17.88
N PHE A 238 -17.70 3.64 -17.74
CA PHE A 238 -17.09 4.75 -18.44
C PHE A 238 -16.64 5.77 -17.41
N ALA A 239 -15.37 6.17 -17.45
CA ALA A 239 -14.85 7.09 -16.45
C ALA A 239 -13.96 8.16 -17.10
N VAL A 240 -14.08 9.39 -16.63
CA VAL A 240 -13.27 10.49 -17.17
C VAL A 240 -12.67 11.35 -16.08
N SER A 241 -11.38 11.65 -16.23
CA SER A 241 -10.70 12.59 -15.34
C SER A 241 -10.70 13.97 -15.98
N LEU A 242 -11.12 14.97 -15.20
CA LEU A 242 -10.92 16.36 -15.55
C LEU A 242 -9.57 16.75 -15.00
N VAL A 243 -8.69 17.27 -15.86
CA VAL A 243 -7.36 17.69 -15.43
C VAL A 243 -7.49 19.00 -14.70
N THR A 244 -7.50 18.93 -13.37
CA THR A 244 -7.80 20.11 -12.55
C THR A 244 -6.53 20.78 -12.04
N ASN A 245 -5.41 20.09 -12.18
CA ASN A 245 -4.12 20.67 -11.83
C ASN A 245 -3.07 20.00 -12.69
N ILE A 246 -2.05 20.74 -13.09
CA ILE A 246 -0.92 20.16 -13.80
C ILE A 246 0.17 19.80 -12.79
N SER A 247 0.51 18.53 -12.71
CA SER A 247 1.42 18.06 -11.67
C SER A 247 2.76 18.79 -11.75
N VAL A 248 3.25 19.19 -10.59
CA VAL A 248 4.59 19.78 -10.53
C VAL A 248 5.62 18.68 -10.31
N LEU A 249 6.56 18.58 -11.24
CA LEU A 249 7.54 17.50 -11.23
C LEU A 249 8.89 17.99 -10.68
N ASP A 250 9.07 19.31 -10.72
CA ASP A 250 10.31 19.93 -10.33
C ASP A 250 10.19 20.47 -8.92
N VAL A 251 11.06 20.01 -8.03
CA VAL A 251 11.01 20.42 -6.63
C VAL A 251 11.40 21.89 -6.41
N GLU A 252 12.16 22.46 -7.34
CA GLU A 252 12.57 23.86 -7.21
C GLU A 252 11.59 24.85 -7.83
N SER A 253 10.47 24.33 -8.32
CA SER A 253 9.41 25.17 -8.86
C SER A 253 8.58 25.79 -7.75
N ASP A 254 8.08 27.00 -7.98
CA ASP A 254 7.23 27.71 -7.03
C ASP A 254 5.75 27.41 -7.24
N LEU A 255 5.43 26.77 -8.35
CA LEU A 255 4.06 26.38 -8.67
C LEU A 255 3.60 25.25 -7.74
N LYS A 256 2.34 25.26 -7.34
CA LYS A 256 1.83 24.26 -6.41
C LYS A 256 0.36 23.98 -6.66
N PRO A 257 -0.09 22.76 -6.30
CA PRO A 257 -1.52 22.50 -6.49
C PRO A 257 -2.28 23.25 -5.41
N ASN A 258 -3.36 23.89 -5.80
CA ASN A 258 -4.19 24.67 -4.88
C ASN A 258 -5.62 24.17 -5.01
N HIS A 259 -6.22 23.71 -3.91
CA HIS A 259 -7.54 23.09 -3.97
C HIS A 259 -8.64 24.05 -4.46
N GLU A 260 -8.55 25.33 -4.11
CA GLU A 260 -9.53 26.30 -4.60
C GLU A 260 -9.48 26.37 -6.13
N GLU A 261 -8.27 26.32 -6.68
CA GLU A 261 -8.11 26.33 -8.14
C GLU A 261 -8.62 25.06 -8.77
N VAL A 262 -8.36 23.93 -8.10
CA VAL A 262 -8.86 22.65 -8.56
C VAL A 262 -10.37 22.70 -8.67
N LEU A 263 -11.02 23.23 -7.64
CA LEU A 263 -12.48 23.35 -7.63
C LEU A 263 -12.98 24.29 -8.72
N ALA A 264 -12.27 25.40 -8.90
CA ALA A 264 -12.65 26.39 -9.91
C ALA A 264 -12.54 25.78 -11.30
N THR A 265 -11.46 25.06 -11.54
CA THR A 265 -11.24 24.45 -12.85
C THR A 265 -12.35 23.46 -13.18
N GLY A 266 -12.69 22.61 -12.21
CA GLY A 266 -13.81 21.69 -12.33
C GLY A 266 -15.15 22.36 -12.60
N ALA A 267 -15.47 23.38 -11.80
CA ALA A 267 -16.73 24.10 -11.99
C ALA A 267 -16.76 24.80 -13.35
N GLN A 268 -15.62 25.30 -13.79
CA GLN A 268 -15.58 25.98 -15.10
C GLN A 268 -16.01 25.04 -16.23
N ARG A 269 -15.53 23.80 -16.19
CA ARG A 269 -15.79 22.83 -17.24
C ARG A 269 -17.12 22.10 -17.07
N ALA A 270 -17.85 22.41 -16.00
CA ALA A 270 -19.02 21.61 -15.60
C ALA A 270 -20.13 21.51 -16.65
N GLU A 271 -20.44 22.63 -17.30
CA GLU A 271 -21.51 22.64 -18.28
C GLU A 271 -21.16 21.79 -19.49
N LEU A 272 -19.89 21.87 -19.91
CA LEU A 272 -19.42 21.09 -21.06
C LEU A 272 -19.39 19.61 -20.71
N MET A 273 -18.85 19.29 -19.53
CA MET A 273 -18.81 17.91 -19.08
C MET A 273 -20.20 17.29 -19.07
N GLN A 274 -21.16 18.03 -18.52
CA GLN A 274 -22.52 17.55 -18.42
C GLN A 274 -23.17 17.36 -19.80
N SER A 275 -22.99 18.33 -20.67
CA SER A 275 -23.46 18.22 -22.04
C SER A 275 -22.86 16.98 -22.72
N TRP A 276 -21.58 16.74 -22.49
CA TRP A 276 -20.90 15.59 -23.07
C TRP A 276 -21.56 14.31 -22.58
N PHE A 277 -21.73 14.18 -21.28
CA PHE A 277 -22.37 13.00 -20.69
C PHE A 277 -23.79 12.83 -21.25
N GLU A 278 -24.54 13.92 -21.29
CA GLU A 278 -25.91 13.87 -21.79
C GLU A 278 -25.93 13.40 -23.24
N LYS A 279 -24.97 13.87 -24.03
CA LYS A 279 -24.93 13.52 -25.45
C LYS A 279 -24.42 12.09 -25.69
N ILE A 280 -23.58 11.59 -24.79
CA ILE A 280 -23.19 10.18 -24.85
C ILE A 280 -24.40 9.30 -24.54
N ILE A 281 -25.11 9.65 -23.48
CA ILE A 281 -26.28 8.89 -23.07
C ILE A 281 -27.32 8.83 -24.19
N GLU A 282 -27.51 9.95 -24.90
CA GLU A 282 -28.47 9.99 -26.00
C GLU A 282 -28.14 9.01 -27.13
N LYS A 283 -26.86 8.73 -27.30
CA LYS A 283 -26.42 7.86 -28.39
C LYS A 283 -26.19 6.41 -27.96
N LEU A 284 -26.39 6.12 -26.68
CA LEU A 284 -26.27 4.74 -26.22
C LEU A 284 -27.33 3.86 -26.87
N PRO A 285 -26.92 2.67 -27.31
CA PRO A 285 -27.89 1.70 -27.82
C PRO A 285 -28.93 1.41 -26.75
N LYS A 286 -30.19 1.18 -27.16
CA LYS A 286 -31.22 0.74 -26.22
C LYS A 286 -32.23 -0.19 -26.88
N ASP A 287 -32.95 -0.94 -26.06
CA ASP A 287 -34.02 -1.79 -26.55
C ASP A 287 -35.29 -0.98 -26.78
N SER B 4 -5.11 4.61 21.71
CA SER B 4 -4.82 5.83 20.98
C SER B 4 -5.93 6.87 21.18
N VAL B 5 -5.53 8.10 21.51
CA VAL B 5 -6.48 9.21 21.56
C VAL B 5 -6.44 10.00 20.25
N THR B 6 -7.61 10.46 19.80
CA THR B 6 -7.70 11.18 18.54
C THR B 6 -6.91 12.48 18.61
N ALA B 7 -6.04 12.70 17.63
CA ALA B 7 -5.25 13.92 17.60
C ALA B 7 -6.06 15.11 17.11
N ASN B 8 -7.20 15.35 17.76
CA ASN B 8 -8.04 16.51 17.52
C ASN B 8 -7.61 17.67 18.42
N ILE B 9 -8.16 18.86 18.14
CA ILE B 9 -7.65 20.06 18.78
C ILE B 9 -7.85 20.01 20.29
N GLU B 10 -8.96 19.41 20.71
CA GLU B 10 -9.27 19.40 22.13
C GLU B 10 -8.33 18.46 22.89
N ASN B 11 -8.04 17.31 22.30
CA ASN B 11 -7.13 16.36 22.95
C ASN B 11 -5.70 16.89 22.93
N VAL B 12 -5.29 17.46 21.81
CA VAL B 12 -3.95 18.01 21.67
C VAL B 12 -3.73 19.21 22.61
N LYS B 13 -4.79 19.99 22.84
CA LYS B 13 -4.72 21.14 23.75
C LYS B 13 -4.55 20.69 25.20
N LYS B 14 -5.24 19.62 25.57
CA LYS B 14 -5.14 19.14 26.95
C LYS B 14 -3.71 18.70 27.24
N VAL B 15 -3.11 18.00 26.29
CA VAL B 15 -1.74 17.53 26.45
C VAL B 15 -0.79 18.72 26.49
N ALA B 16 -0.95 19.65 25.55
CA ALA B 16 -0.15 20.87 25.53
C ALA B 16 -0.25 21.66 26.83
N HIS B 17 -1.47 21.97 27.25
CA HIS B 17 -1.68 22.67 28.52
C HIS B 17 -1.00 21.97 29.68
N HIS B 18 -1.05 20.64 29.68
CA HIS B 18 -0.41 19.88 30.76
C HIS B 18 1.10 20.09 30.77
N ILE B 19 1.70 20.01 29.59
CA ILE B 19 3.14 20.24 29.48
C ILE B 19 3.46 21.65 29.94
N GLN B 20 2.57 22.60 29.62
CA GLN B 20 2.81 23.99 29.96
C GLN B 20 2.75 24.24 31.47
N LYS B 21 2.25 23.25 32.22
CA LYS B 21 2.28 23.33 33.68
C LYS B 21 3.60 22.80 34.20
N LEU B 22 4.33 22.10 33.34
CA LEU B 22 5.55 21.42 33.77
C LEU B 22 6.78 22.20 33.35
N THR B 23 6.61 23.10 32.39
CA THR B 23 7.71 23.94 31.97
C THR B 23 7.18 25.28 31.51
N SER B 24 7.99 26.32 31.72
CA SER B 24 7.65 27.66 31.29
C SER B 24 8.33 28.00 29.98
N ILE B 25 9.12 27.06 29.46
CA ILE B 25 9.82 27.25 28.19
C ILE B 25 8.87 27.11 26.98
N VAL B 26 8.85 28.15 26.14
CA VAL B 26 8.07 28.15 24.92
C VAL B 26 9.00 27.88 23.75
N PRO B 27 8.98 26.64 23.24
CA PRO B 27 9.91 26.23 22.18
C PRO B 27 9.57 26.88 20.85
N GLU B 28 10.59 27.29 20.10
CA GLU B 28 10.39 27.80 18.75
C GLU B 28 10.83 26.71 17.78
N ILE B 29 11.68 25.82 18.26
CA ILE B 29 12.23 24.76 17.41
C ILE B 29 11.99 23.40 18.03
N GLY B 30 11.48 22.48 17.22
CA GLY B 30 11.27 21.11 17.61
C GLY B 30 12.33 20.25 16.96
N ILE B 31 12.85 19.27 17.70
CA ILE B 31 13.90 18.41 17.19
C ILE B 31 13.57 16.97 17.48
N ILE B 32 13.55 16.13 16.45
CA ILE B 32 13.41 14.70 16.64
C ILE B 32 14.70 14.00 16.18
N CYS B 33 15.41 13.38 17.12
CA CYS B 33 16.62 12.64 16.75
C CYS B 33 16.35 11.15 16.50
N GLY B 34 16.98 10.62 15.47
CA GLY B 34 16.72 9.26 15.00
C GLY B 34 17.45 8.14 15.72
N SER B 35 17.42 6.95 15.11
CA SER B 35 17.84 5.70 15.75
C SER B 35 19.33 5.62 16.12
N GLY B 36 19.67 6.07 17.32
CA GLY B 36 21.05 6.11 17.74
C GLY B 36 21.67 7.47 17.45
N LEU B 37 20.81 8.46 17.26
CA LEU B 37 21.23 9.83 17.00
C LEU B 37 20.83 10.74 18.15
N GLY B 38 20.41 10.16 19.27
CA GLY B 38 20.16 10.93 20.47
C GLY B 38 21.41 11.72 20.81
N LYS B 39 21.29 12.65 21.75
CA LYS B 39 22.43 13.50 22.10
C LYS B 39 22.78 14.41 20.93
N LEU B 40 22.19 14.15 19.76
CA LEU B 40 22.27 15.08 18.64
C LEU B 40 21.38 16.26 19.02
N ALA B 41 21.41 16.57 20.30
CA ALA B 41 20.56 17.56 20.93
C ALA B 41 20.60 17.25 22.42
N ASP B 42 21.60 17.79 23.10
CA ASP B 42 21.74 17.64 24.54
C ASP B 42 22.94 18.41 25.04
N GLY B 43 23.39 19.35 24.21
CA GLY B 43 24.14 20.47 24.71
C GLY B 43 23.07 21.46 25.12
N VAL B 44 21.86 20.94 25.38
CA VAL B 44 20.72 21.80 25.74
C VAL B 44 21.00 22.46 27.08
N LYS B 45 20.95 23.79 27.09
CA LYS B 45 21.30 24.55 28.27
C LYS B 45 20.07 24.75 29.15
N ASP B 46 20.28 24.80 30.46
CA ASP B 46 19.22 25.09 31.42
C ASP B 46 18.01 24.23 31.16
N LYS B 47 18.24 22.93 30.99
CA LYS B 47 17.22 22.03 30.49
C LYS B 47 16.21 21.59 31.55
N ILE B 48 15.02 21.29 31.06
CA ILE B 48 13.98 20.64 31.84
C ILE B 48 13.65 19.33 31.12
N THR B 49 13.65 18.22 31.86
CA THR B 49 13.39 16.92 31.26
C THR B 49 12.05 16.34 31.70
N ILE B 50 11.12 16.19 30.76
CA ILE B 50 9.80 15.65 31.05
C ILE B 50 9.61 14.25 30.43
N PRO B 51 9.65 13.20 31.28
CA PRO B 51 9.39 11.83 30.82
C PRO B 51 8.00 11.72 30.19
N TYR B 52 7.87 10.94 29.12
CA TYR B 52 6.57 10.76 28.48
C TYR B 52 5.49 10.29 29.46
N THR B 53 5.90 9.40 30.36
CA THR B 53 5.00 8.85 31.37
C THR B 53 4.39 9.92 32.26
N LYS B 54 4.98 11.11 32.24
CA LYS B 54 4.51 12.21 33.09
C LYS B 54 3.38 13.00 32.45
N ILE B 55 3.15 12.75 31.16
CA ILE B 55 2.18 13.53 30.39
C ILE B 55 0.98 12.69 29.98
N PRO B 56 -0.17 12.93 30.64
CA PRO B 56 -1.39 12.19 30.31
C PRO B 56 -1.73 12.29 28.83
N ASN B 57 -1.99 11.14 28.20
CA ASN B 57 -2.40 11.06 26.81
C ASN B 57 -1.28 11.23 25.79
N PHE B 58 -0.10 11.66 26.25
CA PHE B 58 1.05 11.66 25.38
C PHE B 58 1.37 10.20 25.13
N PRO B 59 1.80 9.86 23.92
CA PRO B 59 2.10 8.46 23.58
C PRO B 59 3.23 7.92 24.43
N GLN B 60 3.32 6.59 24.52
CA GLN B 60 4.35 5.96 25.32
C GLN B 60 5.25 5.05 24.50
N THR B 61 6.55 5.15 24.75
CA THR B 61 7.55 4.30 24.12
C THR B 61 7.49 2.87 24.66
N SER B 62 7.96 1.91 23.87
CA SER B 62 8.18 0.55 24.36
C SER B 62 9.33 0.62 25.36
N SER B 67 9.85 5.45 28.07
CA SER B 67 11.04 5.80 28.83
C SER B 67 11.62 7.02 28.15
N GLY B 68 11.03 7.38 27.01
CA GLY B 68 11.44 8.54 26.26
C GLY B 68 11.20 9.81 27.05
N ASN B 69 11.80 10.90 26.57
CA ASN B 69 11.70 12.18 27.25
C ASN B 69 11.44 13.32 26.30
N LEU B 70 10.74 14.33 26.79
CA LEU B 70 10.66 15.62 26.15
C LEU B 70 11.66 16.52 26.88
N ILE B 71 12.60 17.08 26.14
CA ILE B 71 13.63 17.92 26.76
C ILE B 71 13.48 19.36 26.30
N PHE B 72 13.27 20.25 27.25
CA PHE B 72 13.12 21.67 26.96
C PHE B 72 14.38 22.41 27.42
N GLY B 73 14.77 23.42 26.67
CA GLY B 73 15.92 24.23 27.06
C GLY B 73 16.31 25.19 25.96
N THR B 74 17.54 25.66 26.01
CA THR B 74 18.05 26.54 24.98
C THR B 74 19.23 25.90 24.28
N LEU B 75 19.25 26.02 22.96
CA LEU B 75 20.39 25.64 22.14
C LEU B 75 20.76 26.85 21.30
N SER B 76 22.02 27.26 21.39
CA SER B 76 22.52 28.36 20.58
C SER B 76 21.62 29.56 20.68
N GLY B 77 21.14 29.87 21.87
CA GLY B 77 20.34 31.04 22.11
C GLY B 77 18.86 30.90 21.80
N ARG B 78 18.44 29.74 21.32
CA ARG B 78 17.05 29.57 20.91
C ARG B 78 16.34 28.53 21.79
N LYS B 79 15.04 28.71 22.01
CA LYS B 79 14.27 27.77 22.83
C LYS B 79 13.85 26.57 22.02
N VAL B 80 14.16 25.37 22.54
CA VAL B 80 13.92 24.14 21.83
C VAL B 80 13.12 23.14 22.67
N VAL B 81 12.51 22.20 21.97
CA VAL B 81 11.95 21.01 22.60
C VAL B 81 12.49 19.84 21.78
N VAL B 82 13.10 18.89 22.47
CA VAL B 82 13.66 17.71 21.83
C VAL B 82 12.87 16.47 22.22
N MET B 83 12.41 15.73 21.22
CA MET B 83 11.79 14.43 21.46
C MET B 83 12.87 13.38 21.49
N GLN B 84 13.12 12.83 22.66
CA GLN B 84 13.99 11.68 22.78
C GLN B 84 13.15 10.42 22.85
N GLY B 85 13.04 9.74 21.71
CA GLY B 85 12.16 8.59 21.57
C GLY B 85 11.06 8.88 20.57
N ARG B 86 11.15 8.29 19.37
CA ARG B 86 10.09 8.45 18.36
C ARG B 86 9.15 7.26 18.21
N PHE B 87 8.09 7.46 17.44
CA PHE B 87 7.05 6.46 17.25
C PHE B 87 7.03 6.01 15.80
N HIS B 88 7.22 4.72 15.59
CA HIS B 88 7.36 4.21 14.23
C HIS B 88 6.14 3.39 13.85
N MET B 89 5.72 3.55 12.60
CA MET B 89 4.54 2.83 12.11
C MET B 89 4.75 1.30 12.17
N TYR B 90 5.97 0.83 11.97
CA TYR B 90 6.20 -0.62 12.01
C TYR B 90 5.97 -1.23 13.41
N GLU B 91 5.96 -0.39 14.44
CA GLU B 91 5.69 -0.87 15.80
C GLU B 91 4.22 -1.10 16.05
N GLY B 92 3.36 -0.60 15.15
CA GLY B 92 1.93 -0.78 15.31
C GLY B 92 1.21 0.44 15.86
N TYR B 93 1.93 1.55 16.07
CA TYR B 93 1.29 2.79 16.51
C TYR B 93 0.31 3.30 15.46
N SER B 94 -0.77 3.91 15.91
CA SER B 94 -1.80 4.45 15.04
C SER B 94 -1.38 5.79 14.45
N ASN B 95 -2.07 6.19 13.38
CA ASN B 95 -1.89 7.51 12.78
C ASN B 95 -2.02 8.61 13.83
N ASP B 96 -3.02 8.48 14.70
CA ASP B 96 -3.24 9.52 15.70
C ASP B 96 -2.12 9.58 16.73
N THR B 97 -1.62 8.42 17.13
CA THR B 97 -0.53 8.38 18.10
C THR B 97 0.72 9.10 17.55
N VAL B 98 1.02 8.86 16.28
CA VAL B 98 2.22 9.46 15.66
C VAL B 98 2.05 10.95 15.39
N ALA B 99 0.82 11.35 15.07
CA ALA B 99 0.53 12.75 14.77
C ALA B 99 0.55 13.64 16.02
N LEU B 100 0.15 13.07 17.17
CA LEU B 100 -0.12 13.88 18.35
C LEU B 100 1.07 14.71 18.82
N PRO B 101 2.26 14.09 18.94
CA PRO B 101 3.42 14.87 19.42
C PRO B 101 3.71 16.07 18.51
N ILE B 102 3.57 15.91 17.20
CA ILE B 102 3.85 17.00 16.29
C ILE B 102 2.81 18.11 16.47
N ARG B 103 1.55 17.72 16.58
CA ARG B 103 0.49 18.70 16.83
C ARG B 103 0.63 19.36 18.22
N VAL B 104 1.04 18.58 19.21
CA VAL B 104 1.41 19.20 20.49
C VAL B 104 2.50 20.25 20.28
N MET B 105 3.54 19.91 19.51
CA MET B 105 4.59 20.87 19.21
C MET B 105 4.04 22.19 18.64
N LYS B 106 3.11 22.08 17.71
CA LYS B 106 2.48 23.27 17.14
C LYS B 106 1.83 24.15 18.22
N LEU B 107 1.08 23.52 19.13
CA LEU B 107 0.39 24.27 20.17
C LEU B 107 1.37 24.87 21.18
N LEU B 108 2.51 24.21 21.37
CA LEU B 108 3.51 24.71 22.31
C LEU B 108 4.26 25.92 21.73
N GLY B 109 4.22 26.09 20.41
CA GLY B 109 4.82 27.25 19.78
C GLY B 109 5.89 26.94 18.73
N VAL B 110 6.10 25.66 18.41
CA VAL B 110 7.16 25.31 17.45
C VAL B 110 6.86 25.82 16.05
N LYS B 111 7.84 26.48 15.44
CA LYS B 111 7.72 27.01 14.08
C LYS B 111 8.53 26.20 13.07
N ILE B 112 9.61 25.58 13.57
CA ILE B 112 10.49 24.78 12.75
C ILE B 112 10.74 23.44 13.41
N LEU B 113 10.63 22.37 12.61
CA LEU B 113 10.89 21.02 13.05
C LEU B 113 12.13 20.50 12.36
N MET B 114 13.12 20.06 13.15
CA MET B 114 14.34 19.50 12.60
C MET B 114 14.39 18.02 12.94
N VAL B 115 14.53 17.19 11.91
CA VAL B 115 14.39 15.76 12.05
C VAL B 115 15.66 15.06 11.54
N SER B 116 16.14 14.07 12.28
CA SER B 116 17.19 13.21 11.76
C SER B 116 16.73 11.76 11.76
N ASN B 117 17.32 10.98 10.88
CA ASN B 117 17.11 9.54 10.88
CA ASN B 117 17.11 9.54 10.88
C ASN B 117 18.33 8.82 10.34
C ASN B 117 18.33 8.82 10.34
N ALA B 118 18.34 7.50 10.47
CA ALA B 118 19.36 6.68 9.85
C ALA B 118 18.70 6.03 8.64
N ALA B 119 19.42 5.94 7.53
CA ALA B 119 18.84 5.40 6.32
C ALA B 119 19.83 4.59 5.51
N GLY B 120 19.31 3.77 4.60
CA GLY B 120 20.16 3.02 3.68
C GLY B 120 20.42 3.83 2.43
N GLY B 121 21.66 3.80 1.96
CA GLY B 121 22.02 4.55 0.78
C GLY B 121 21.66 3.80 -0.49
N LEU B 122 20.71 4.32 -1.25
CA LEU B 122 20.38 3.72 -2.55
C LEU B 122 21.26 4.30 -3.65
N ASN B 123 21.33 5.63 -3.69
CA ASN B 123 22.16 6.33 -4.67
C ASN B 123 23.58 5.81 -4.61
N ARG B 124 24.14 5.44 -5.76
CA ARG B 124 25.43 4.76 -5.81
C ARG B 124 26.61 5.70 -5.53
N SER B 125 26.35 6.99 -5.44
CA SER B 125 27.41 7.94 -5.16
C SER B 125 27.57 8.15 -3.66
N LEU B 126 26.65 7.57 -2.89
CA LEU B 126 26.67 7.76 -1.43
C LEU B 126 27.72 6.87 -0.75
N LYS B 127 28.29 7.37 0.33
CA LYS B 127 29.25 6.61 1.13
C LYS B 127 28.74 6.46 2.55
N LEU B 128 29.14 5.37 3.20
CA LEU B 128 28.89 5.22 4.62
C LEU B 128 29.26 6.51 5.34
N GLY B 129 28.36 7.00 6.18
CA GLY B 129 28.65 8.19 6.97
C GLY B 129 28.27 9.50 6.31
N ASP B 130 27.85 9.45 5.05
CA ASP B 130 27.36 10.65 4.39
C ASP B 130 26.06 11.16 5.03
N PHE B 131 25.83 12.46 4.93
CA PHE B 131 24.55 13.06 5.30
C PHE B 131 23.74 13.32 4.03
N VAL B 132 22.49 12.89 4.03
CA VAL B 132 21.61 13.26 2.94
C VAL B 132 20.44 14.11 3.46
N ILE B 133 20.52 15.40 3.16
CA ILE B 133 19.44 16.32 3.46
C ILE B 133 18.24 15.93 2.59
N LEU B 134 17.08 15.71 3.19
CA LEU B 134 15.90 15.43 2.38
C LEU B 134 15.46 16.68 1.64
N LYS B 135 15.33 16.60 0.32
CA LYS B 135 14.74 17.70 -0.45
C LYS B 135 13.36 17.30 -0.95
N ASP B 136 13.02 16.03 -0.80
CA ASP B 136 11.70 15.54 -1.21
C ASP B 136 11.54 14.13 -0.70
N HIS B 137 10.34 13.59 -0.85
CA HIS B 137 10.12 12.22 -0.42
C HIS B 137 9.12 11.50 -1.30
N ILE B 138 9.07 10.17 -1.15
CA ILE B 138 8.09 9.33 -1.80
C ILE B 138 7.48 8.49 -0.67
N TYR B 139 6.20 8.71 -0.43
CA TYR B 139 5.49 8.18 0.71
C TYR B 139 4.75 6.92 0.25
N LEU B 140 5.46 5.82 0.11
CA LEU B 140 4.83 4.60 -0.42
C LEU B 140 3.58 4.21 0.36
N PRO B 141 3.65 4.15 1.70
CA PRO B 141 2.43 3.87 2.47
C PRO B 141 1.30 4.87 2.18
N GLY B 142 1.63 6.15 2.02
CA GLY B 142 0.60 7.15 1.72
C GLY B 142 -0.05 6.96 0.35
N LEU B 143 0.74 6.66 -0.66
CA LEU B 143 0.17 6.40 -1.98
C LEU B 143 -0.75 5.16 -1.92
N GLY B 144 -0.41 4.22 -1.04
CA GLY B 144 -1.15 2.97 -0.96
C GLY B 144 -2.30 2.90 0.03
N LEU B 145 -2.74 4.08 0.49
CA LEU B 145 -3.91 4.23 1.37
C LEU B 145 -3.61 4.10 2.88
N ASN B 146 -2.33 4.27 3.25
CA ASN B 146 -1.93 4.35 4.65
C ASN B 146 -1.25 5.69 4.95
N ASN B 147 -1.73 6.76 4.34
CA ASN B 147 -1.26 8.11 4.66
C ASN B 147 -1.73 8.48 6.06
N ILE B 148 -0.87 9.11 6.85
CA ILE B 148 -1.20 9.44 8.23
C ILE B 148 -2.44 10.35 8.37
N LEU B 149 -2.78 11.08 7.30
CA LEU B 149 -3.93 11.99 7.32
C LEU B 149 -5.27 11.34 6.94
N VAL B 150 -5.25 10.07 6.54
CA VAL B 150 -6.53 9.36 6.32
C VAL B 150 -7.43 9.42 7.54
N GLY B 151 -8.71 9.74 7.31
CA GLY B 151 -9.68 9.89 8.36
C GLY B 151 -10.23 11.30 8.27
N PRO B 152 -11.23 11.62 9.11
CA PRO B 152 -11.74 12.99 9.19
C PRO B 152 -10.59 13.99 9.31
N ASN B 153 -10.67 15.09 8.58
CA ASN B 153 -9.63 16.11 8.69
C ASN B 153 -9.82 16.92 9.96
N GLN B 154 -8.75 17.11 10.72
CA GLN B 154 -8.81 18.02 11.87
C GLN B 154 -8.57 19.47 11.42
N GLU B 155 -9.66 20.16 11.11
CA GLU B 155 -9.63 21.47 10.47
C GLU B 155 -8.87 22.53 11.27
N ALA B 156 -8.89 22.42 12.59
CA ALA B 156 -8.20 23.38 13.45
C ALA B 156 -6.70 23.38 13.13
N PHE B 157 -6.21 22.28 12.58
CA PHE B 157 -4.77 22.13 12.34
C PHE B 157 -4.35 22.47 10.91
N GLY B 158 -5.17 22.08 9.94
CA GLY B 158 -4.84 22.33 8.56
C GLY B 158 -5.93 21.90 7.61
N THR B 159 -5.63 21.96 6.32
CA THR B 159 -6.64 21.81 5.29
C THR B 159 -6.78 20.34 4.90
N ARG B 160 -7.88 20.00 4.21
CA ARG B 160 -8.16 18.62 3.86
C ARG B 160 -7.10 18.03 2.93
N PHE B 161 -6.66 18.83 1.96
CA PHE B 161 -5.71 18.37 0.95
C PHE B 161 -4.45 19.23 0.96
N PRO B 162 -3.54 18.94 1.89
CA PRO B 162 -2.30 19.74 1.97
C PRO B 162 -1.45 19.57 0.71
N ALA B 163 -0.91 20.66 0.18
CA ALA B 163 0.09 20.58 -0.88
C ALA B 163 1.41 20.25 -0.24
N LEU B 164 2.25 19.49 -0.93
CA LEU B 164 3.57 19.18 -0.40
C LEU B 164 4.65 19.85 -1.22
N SER B 165 4.34 21.05 -1.69
CA SER B 165 5.32 21.88 -2.36
C SER B 165 6.24 22.50 -1.33
N ASN B 166 7.54 22.44 -1.60
CA ASN B 166 8.53 23.03 -0.69
C ASN B 166 8.36 22.44 0.71
N ALA B 167 7.98 21.16 0.77
CA ALA B 167 7.81 20.46 2.05
C ALA B 167 9.08 20.55 2.89
N TYR B 168 10.22 20.36 2.22
CA TYR B 168 11.53 20.45 2.86
C TYR B 168 12.09 21.82 2.56
N ASP B 169 11.80 22.75 3.46
CA ASP B 169 11.99 24.17 3.18
C ASP B 169 13.32 24.48 2.52
N ARG B 170 13.29 25.07 1.33
CA ARG B 170 14.51 25.25 0.55
C ARG B 170 15.49 26.20 1.24
N ASP B 171 14.96 27.19 1.96
CA ASP B 171 15.84 28.14 2.63
C ASP B 171 16.58 27.46 3.78
N LEU B 172 15.91 26.56 4.48
CA LEU B 172 16.57 25.81 5.55
C LEU B 172 17.63 24.87 4.99
N ARG B 173 17.33 24.24 3.87
CA ARG B 173 18.31 23.38 3.21
C ARG B 173 19.55 24.19 2.78
N LYS B 174 19.31 25.37 2.23
CA LYS B 174 20.44 26.22 1.81
C LYS B 174 21.31 26.55 3.02
N LEU B 175 20.67 26.99 4.11
CA LEU B 175 21.39 27.31 5.34
C LEU B 175 22.18 26.12 5.89
N ALA B 176 21.57 24.94 5.87
CA ALA B 176 22.20 23.74 6.42
C ALA B 176 23.47 23.45 5.64
N VAL B 177 23.38 23.59 4.32
CA VAL B 177 24.51 23.35 3.45
C VAL B 177 25.63 24.35 3.71
N GLN B 178 25.26 25.62 3.82
CA GLN B 178 26.25 26.66 4.11
C GLN B 178 26.96 26.42 5.43
N VAL B 179 26.21 26.00 6.45
CA VAL B 179 26.80 25.69 7.75
C VAL B 179 27.78 24.51 7.66
N ALA B 180 27.37 23.45 6.97
CA ALA B 180 28.29 22.32 6.73
C ALA B 180 29.56 22.79 6.03
N GLU B 181 29.40 23.54 4.95
CA GLU B 181 30.55 24.02 4.22
C GLU B 181 31.48 24.87 5.07
N GLU B 182 30.90 25.80 5.83
CA GLU B 182 31.67 26.73 6.65
C GLU B 182 32.49 26.03 7.72
N ASN B 183 32.01 24.85 8.14
CA ASN B 183 32.65 24.11 9.22
C ASN B 183 33.45 22.91 8.71
N GLY B 184 33.62 22.84 7.40
CA GLY B 184 34.55 21.91 6.80
C GLY B 184 34.07 20.49 6.60
N PHE B 185 32.77 20.26 6.71
CA PHE B 185 32.26 18.93 6.38
C PHE B 185 31.27 18.92 5.22
N GLY B 186 31.37 19.94 4.37
CA GLY B 186 30.49 20.05 3.22
C GLY B 186 30.60 18.88 2.25
N ASN B 187 31.78 18.28 2.17
CA ASN B 187 31.99 17.11 1.31
C ASN B 187 31.17 15.90 1.74
N LEU B 188 30.62 15.93 2.94
CA LEU B 188 29.84 14.80 3.46
C LEU B 188 28.36 14.98 3.14
N VAL B 189 27.98 16.19 2.73
CA VAL B 189 26.57 16.54 2.60
C VAL B 189 26.03 16.43 1.18
N HIS B 190 24.94 15.68 1.02
CA HIS B 190 24.21 15.58 -0.24
C HIS B 190 22.78 15.99 0.03
N GLN B 191 22.01 16.13 -1.05
CA GLN B 191 20.57 16.33 -0.94
C GLN B 191 19.93 15.29 -1.81
N GLY B 192 18.76 14.80 -1.42
CA GLY B 192 18.13 13.75 -2.21
C GLY B 192 16.74 13.40 -1.73
N VAL B 193 16.20 12.35 -2.35
CA VAL B 193 14.84 11.91 -2.11
C VAL B 193 14.83 10.72 -1.18
N TYR B 194 14.04 10.84 -0.10
CA TYR B 194 13.87 9.77 0.86
C TYR B 194 12.58 9.01 0.58
N VAL B 195 12.67 7.68 0.53
CA VAL B 195 11.46 6.87 0.33
C VAL B 195 11.21 6.09 1.61
N MET B 196 9.96 6.06 2.05
CA MET B 196 9.59 5.29 3.24
C MET B 196 9.13 3.89 2.84
N ASN B 197 9.83 2.90 3.39
CA ASN B 197 9.35 1.53 3.46
C ASN B 197 8.67 1.36 4.80
N GLY B 198 7.39 0.99 4.79
CA GLY B 198 6.67 0.76 6.03
C GLY B 198 7.42 -0.14 7.01
N GLY B 199 8.17 -1.11 6.49
CA GLY B 199 8.97 -2.00 7.34
C GLY B 199 8.15 -3.08 8.03
N PRO B 200 8.78 -3.85 8.94
CA PRO B 200 10.13 -3.63 9.47
C PRO B 200 11.23 -4.42 8.77
N CYS B 201 10.93 -5.10 7.67
CA CYS B 201 11.96 -5.82 6.92
C CYS B 201 12.84 -4.83 6.22
N TYR B 202 14.14 -5.10 6.19
CA TYR B 202 15.00 -4.34 5.30
C TYR B 202 14.64 -4.70 3.86
N GLU B 203 15.08 -3.87 2.92
CA GLU B 203 14.64 -4.02 1.54
C GLU B 203 15.45 -5.11 0.86
N THR B 204 14.80 -5.93 0.03
CA THR B 204 15.53 -6.90 -0.80
C THR B 204 16.29 -6.18 -1.91
N PRO B 205 17.23 -6.87 -2.55
CA PRO B 205 17.94 -6.26 -3.68
C PRO B 205 16.97 -5.80 -4.78
N ALA B 206 15.99 -6.63 -5.12
CA ALA B 206 15.00 -6.23 -6.13
C ALA B 206 14.21 -4.99 -5.69
N GLU B 207 13.82 -4.94 -4.42
CA GLU B 207 13.19 -3.74 -3.89
C GLU B 207 14.11 -2.52 -4.00
N CYS B 208 15.35 -2.65 -3.55
CA CYS B 208 16.30 -1.53 -3.64
C CYS B 208 16.52 -1.05 -5.08
N THR B 209 16.64 -1.99 -6.01
CA THR B 209 16.80 -1.62 -7.42
C THR B 209 15.59 -0.86 -7.91
N MET B 210 14.40 -1.36 -7.59
CA MET B 210 13.17 -0.68 -7.98
C MET B 210 13.10 0.73 -7.40
N LEU B 211 13.52 0.88 -6.15
CA LEU B 211 13.40 2.19 -5.47
C LEU B 211 14.38 3.16 -6.07
N LEU B 212 15.59 2.69 -6.31
CA LEU B 212 16.62 3.50 -6.96
C LEU B 212 16.11 4.00 -8.31
N ASN B 213 15.55 3.09 -9.10
CA ASN B 213 15.02 3.44 -10.40
C ASN B 213 13.78 4.34 -10.34
N MET B 214 13.11 4.36 -9.19
CA MET B 214 11.98 5.25 -8.96
C MET B 214 12.47 6.69 -8.73
N GLY B 215 13.78 6.86 -8.54
CA GLY B 215 14.34 8.17 -8.25
C GLY B 215 14.62 8.44 -6.78
N CYS B 216 14.66 7.37 -5.99
CA CYS B 216 14.95 7.49 -4.55
C CYS B 216 16.46 7.42 -4.26
N ASP B 217 16.93 8.25 -3.34
CA ASP B 217 18.35 8.23 -2.96
C ASP B 217 18.64 7.48 -1.66
N VAL B 218 17.73 7.57 -0.71
CA VAL B 218 17.86 6.84 0.53
C VAL B 218 16.53 6.23 0.93
N VAL B 219 16.60 5.19 1.74
CA VAL B 219 15.40 4.49 2.19
C VAL B 219 15.42 4.30 3.70
N GLY B 220 14.27 4.52 4.34
CA GLY B 220 14.13 4.30 5.76
C GLY B 220 12.68 4.01 6.07
N MET B 221 12.33 3.92 7.36
CA MET B 221 11.01 3.46 7.77
C MET B 221 10.26 4.50 8.61
N SER B 222 10.68 5.76 8.53
CA SER B 222 10.16 6.76 9.45
C SER B 222 10.07 8.12 8.78
N THR B 223 9.86 9.15 9.61
CA THR B 223 10.07 10.54 9.18
C THR B 223 8.95 11.13 8.34
N ILE B 224 8.64 10.50 7.21
CA ILE B 224 7.62 11.07 6.34
C ILE B 224 6.28 11.39 7.05
N PRO B 225 5.76 10.45 7.89
CA PRO B 225 4.48 10.72 8.54
C PRO B 225 4.55 11.99 9.40
N GLU B 226 5.64 12.16 10.13
CA GLU B 226 5.86 13.36 10.94
C GLU B 226 5.92 14.63 10.08
N VAL B 227 6.65 14.52 8.96
CA VAL B 227 6.77 15.63 8.04
C VAL B 227 5.39 16.06 7.50
N VAL B 228 4.60 15.07 7.09
CA VAL B 228 3.26 15.33 6.60
C VAL B 228 2.42 16.09 7.63
N ILE B 229 2.43 15.62 8.88
CA ILE B 229 1.65 16.29 9.92
C ILE B 229 2.17 17.72 10.19
N ALA B 230 3.49 17.88 10.20
CA ALA B 230 4.11 19.18 10.39
C ALA B 230 3.66 20.17 9.31
N ARG B 231 3.77 19.75 8.04
CA ARG B 231 3.39 20.62 6.94
C ARG B 231 1.89 20.92 6.95
N HIS B 232 1.09 19.93 7.33
CA HIS B 232 -0.36 20.11 7.42
C HIS B 232 -0.68 21.28 8.36
N CYS B 233 0.03 21.37 9.49
CA CYS B 233 -0.22 22.44 10.46
C CYS B 233 0.72 23.64 10.35
N GLY B 234 1.48 23.70 9.26
CA GLY B 234 2.25 24.89 8.91
C GLY B 234 3.58 25.04 9.62
N ILE B 235 4.11 23.94 10.15
CA ILE B 235 5.49 23.91 10.67
C ILE B 235 6.50 23.70 9.52
N GLN B 236 7.52 24.57 9.43
CA GLN B 236 8.59 24.36 8.47
C GLN B 236 9.47 23.17 8.88
N VAL B 237 10.00 22.47 7.88
CA VAL B 237 10.67 21.21 8.10
C VAL B 237 12.08 21.18 7.53
N PHE B 238 13.02 20.76 8.37
CA PHE B 238 14.34 20.37 7.90
C PHE B 238 14.58 18.92 8.31
N ALA B 239 15.03 18.08 7.39
CA ALA B 239 15.26 16.69 7.74
C ALA B 239 16.53 16.16 7.08
N VAL B 240 17.29 15.35 7.82
CA VAL B 240 18.51 14.77 7.30
C VAL B 240 18.67 13.32 7.68
N SER B 241 19.09 12.50 6.71
CA SER B 241 19.42 11.10 6.93
C SER B 241 20.92 10.93 7.13
N LEU B 242 21.30 10.09 8.08
CA LEU B 242 22.69 9.64 8.17
C LEU B 242 22.70 8.31 7.42
N VAL B 243 23.59 8.18 6.42
CA VAL B 243 23.72 6.91 5.70
C VAL B 243 24.50 5.89 6.53
N THR B 244 23.79 4.98 7.18
CA THR B 244 24.48 4.05 8.08
C THR B 244 24.83 2.75 7.40
N ASN B 245 24.32 2.56 6.19
CA ASN B 245 24.62 1.38 5.39
C ASN B 245 24.33 1.63 3.91
N ILE B 246 25.02 0.88 3.06
CA ILE B 246 24.82 0.98 1.62
C ILE B 246 23.97 -0.18 1.16
N SER B 247 22.85 0.12 0.51
CA SER B 247 21.91 -0.92 0.07
C SER B 247 22.51 -1.84 -0.96
N VAL B 248 22.27 -3.15 -0.80
CA VAL B 248 22.69 -4.13 -1.78
C VAL B 248 21.66 -4.26 -2.91
N LEU B 249 22.12 -4.11 -4.15
CA LEU B 249 21.22 -4.04 -5.31
C LEU B 249 21.01 -5.35 -6.05
N ASP B 250 21.92 -6.31 -5.90
CA ASP B 250 21.70 -7.60 -6.55
C ASP B 250 21.87 -8.80 -5.62
N VAL B 251 21.07 -9.84 -5.87
CA VAL B 251 21.18 -11.10 -5.14
C VAL B 251 22.44 -11.86 -5.57
N GLU B 252 23.01 -12.61 -4.64
CA GLU B 252 24.13 -13.49 -4.94
C GLU B 252 24.29 -14.43 -3.76
N GLU B 260 34.21 -10.24 6.32
CA GLU B 260 34.31 -10.77 7.67
C GLU B 260 35.54 -10.12 8.31
N GLU B 261 35.47 -8.80 8.44
CA GLU B 261 36.62 -7.97 8.81
C GLU B 261 36.40 -7.19 10.11
N VAL B 262 37.49 -6.71 10.70
CA VAL B 262 37.41 -5.85 11.87
C VAL B 262 36.69 -4.55 11.49
N LEU B 263 35.52 -4.34 12.10
CA LEU B 263 34.68 -3.21 11.74
C LEU B 263 34.42 -2.28 12.93
N ALA B 264 34.71 -1.00 12.74
CA ALA B 264 34.41 0.01 13.75
C ALA B 264 33.06 0.64 13.50
N THR B 265 32.29 0.83 14.57
CA THR B 265 30.99 1.49 14.50
C THR B 265 30.92 2.58 15.56
N GLY B 266 31.61 3.69 15.32
CA GLY B 266 31.72 4.76 16.28
C GLY B 266 30.56 5.74 16.22
N ALA B 267 30.58 6.72 17.12
CA ALA B 267 29.51 7.69 17.23
C ALA B 267 29.96 9.10 16.86
N GLN B 268 31.03 9.19 16.07
CA GLN B 268 31.55 10.48 15.64
C GLN B 268 30.58 11.22 14.73
N ARG B 269 29.96 10.50 13.81
CA ARG B 269 28.95 11.12 12.95
C ARG B 269 27.77 11.66 13.76
N ALA B 270 27.36 10.91 14.78
CA ALA B 270 26.29 11.37 15.68
C ALA B 270 26.69 12.67 16.37
N GLU B 271 27.94 12.74 16.83
CA GLU B 271 28.45 13.96 17.44
C GLU B 271 28.53 15.08 16.40
N LEU B 272 28.95 14.74 15.20
CA LEU B 272 29.03 15.73 14.14
C LEU B 272 27.64 16.28 13.82
N MET B 273 26.67 15.39 13.68
CA MET B 273 25.31 15.83 13.36
C MET B 273 24.77 16.74 14.44
N GLN B 274 25.12 16.43 15.69
CA GLN B 274 24.70 17.25 16.83
C GLN B 274 25.27 18.65 16.69
N SER B 275 26.57 18.74 16.45
CA SER B 275 27.19 20.02 16.20
C SER B 275 26.52 20.75 15.03
N TRP B 276 26.22 20.00 13.97
CA TRP B 276 25.58 20.58 12.79
C TRP B 276 24.25 21.24 13.11
N PHE B 277 23.40 20.51 13.83
CA PHE B 277 22.09 21.04 14.21
C PHE B 277 22.21 22.27 15.10
N GLU B 278 23.16 22.22 16.03
CA GLU B 278 23.41 23.36 16.90
C GLU B 278 23.83 24.60 16.10
N LYS B 279 24.68 24.42 15.11
CA LYS B 279 25.18 25.55 14.33
C LYS B 279 24.13 26.08 13.35
N ILE B 280 23.26 25.19 12.89
CA ILE B 280 22.12 25.64 12.09
C ILE B 280 21.22 26.49 12.94
N ILE B 281 20.88 26.00 14.14
CA ILE B 281 19.96 26.73 15.01
C ILE B 281 20.51 28.12 15.33
N GLU B 282 21.82 28.18 15.50
CA GLU B 282 22.54 29.43 15.73
C GLU B 282 22.26 30.49 14.67
N LYS B 283 22.00 30.04 13.44
CA LYS B 283 21.83 30.95 12.31
C LYS B 283 20.41 31.07 11.79
N LEU B 284 19.48 30.33 12.40
CA LEU B 284 18.09 30.46 12.00
C LEU B 284 17.62 31.88 12.25
N PRO B 285 16.73 32.37 11.39
CA PRO B 285 16.08 33.67 11.61
C PRO B 285 15.25 33.61 12.88
N LYS B 286 15.10 34.75 13.55
CA LYS B 286 14.32 34.82 14.77
C LYS B 286 13.39 36.02 14.73
N ASP B 287 12.11 35.77 14.96
CA ASP B 287 11.10 36.83 14.95
C ASP B 287 11.33 37.82 16.09
N SER C 4 -6.28 -13.35 14.60
CA SER C 4 -7.21 -13.77 15.65
C SER C 4 -6.46 -14.16 16.93
N VAL C 5 -5.70 -15.25 16.86
CA VAL C 5 -4.85 -15.68 17.96
C VAL C 5 -3.44 -15.17 17.71
N THR C 6 -2.86 -14.45 18.67
CA THR C 6 -1.55 -13.82 18.46
C THR C 6 -0.48 -14.89 18.23
N ALA C 7 0.40 -14.67 17.25
CA ALA C 7 1.40 -15.68 16.92
C ALA C 7 2.61 -15.52 17.83
N ASN C 8 2.36 -15.52 19.13
CA ASN C 8 3.43 -15.37 20.11
C ASN C 8 3.91 -16.75 20.58
N ILE C 9 4.95 -16.78 21.41
CA ILE C 9 5.55 -18.06 21.80
C ILE C 9 4.57 -18.93 22.57
N GLU C 10 3.80 -18.31 23.46
CA GLU C 10 2.83 -19.07 24.26
C GLU C 10 1.82 -19.80 23.38
N ASN C 11 1.18 -19.09 22.46
CA ASN C 11 0.15 -19.68 21.62
C ASN C 11 0.70 -20.68 20.61
N VAL C 12 1.86 -20.35 20.03
CA VAL C 12 2.48 -21.24 19.06
C VAL C 12 2.92 -22.57 19.71
N LYS C 13 3.45 -22.50 20.93
CA LYS C 13 3.83 -23.71 21.65
C LYS C 13 2.62 -24.58 21.99
N LYS C 14 1.53 -23.94 22.41
CA LYS C 14 0.33 -24.72 22.69
C LYS C 14 -0.11 -25.51 21.46
N VAL C 15 -0.06 -24.88 20.29
CA VAL C 15 -0.46 -25.55 19.05
C VAL C 15 0.51 -26.69 18.71
N ALA C 16 1.80 -26.39 18.78
CA ALA C 16 2.82 -27.41 18.48
C ALA C 16 2.60 -28.63 19.35
N HIS C 17 2.38 -28.40 20.63
CA HIS C 17 2.22 -29.48 21.58
C HIS C 17 0.98 -30.32 21.31
N HIS C 18 -0.10 -29.68 20.89
CA HIS C 18 -1.29 -30.42 20.49
CA HIS C 18 -1.28 -30.45 20.52
C HIS C 18 -0.96 -31.36 19.34
N ILE C 19 -0.32 -30.81 18.32
CA ILE C 19 0.08 -31.59 17.15
C ILE C 19 0.99 -32.76 17.52
N GLN C 20 1.94 -32.51 18.42
CA GLN C 20 2.90 -33.53 18.80
C GLN C 20 2.22 -34.66 19.56
N LYS C 21 1.02 -34.41 20.08
CA LYS C 21 0.23 -35.46 20.71
C LYS C 21 -0.46 -36.31 19.65
N LEU C 22 -0.57 -35.77 18.44
CA LEU C 22 -1.31 -36.43 17.37
C LEU C 22 -0.41 -37.18 16.38
N THR C 23 0.88 -36.89 16.41
CA THR C 23 1.80 -37.60 15.53
C THR C 23 3.20 -37.72 16.13
N SER C 24 3.92 -38.74 15.71
CA SER C 24 5.29 -38.98 16.17
C SER C 24 6.28 -38.50 15.14
N ILE C 25 5.77 -38.01 14.01
CA ILE C 25 6.60 -37.53 12.92
C ILE C 25 7.17 -36.16 13.24
N VAL C 26 8.50 -36.07 13.32
CA VAL C 26 9.18 -34.79 13.53
C VAL C 26 9.67 -34.26 12.18
N PRO C 27 8.95 -33.28 11.62
CA PRO C 27 9.21 -32.82 10.26
C PRO C 27 10.54 -32.09 10.16
N GLU C 28 11.32 -32.39 9.13
CA GLU C 28 12.52 -31.64 8.79
C GLU C 28 12.22 -30.62 7.69
N ILE C 29 11.22 -30.92 6.87
CA ILE C 29 10.87 -30.10 5.73
C ILE C 29 9.39 -29.78 5.79
N GLY C 30 9.08 -28.50 5.68
CA GLY C 30 7.70 -28.05 5.55
C GLY C 30 7.39 -27.71 4.12
N ILE C 31 6.17 -28.05 3.71
CA ILE C 31 5.77 -27.77 2.34
C ILE C 31 4.40 -27.10 2.36
N ILE C 32 4.32 -25.95 1.70
CA ILE C 32 3.05 -25.26 1.55
C ILE C 32 2.54 -25.56 0.15
N CYS C 33 1.45 -26.31 0.09
CA CYS C 33 0.87 -26.73 -1.16
C CYS C 33 0.15 -25.57 -1.83
N GLY C 34 0.75 -25.07 -2.89
CA GLY C 34 0.11 -24.09 -3.72
C GLY C 34 -0.17 -24.75 -5.04
N SER C 35 -0.50 -23.93 -6.03
CA SER C 35 -0.72 -24.38 -7.39
C SER C 35 0.30 -25.43 -7.82
N GLY C 36 -0.21 -26.57 -8.28
CA GLY C 36 0.63 -27.60 -8.87
C GLY C 36 1.21 -28.60 -7.88
N LEU C 37 0.92 -28.43 -6.59
CA LEU C 37 1.47 -29.34 -5.58
C LEU C 37 0.41 -30.26 -5.00
N GLY C 38 -0.79 -30.22 -5.56
CA GLY C 38 -1.88 -31.06 -5.11
C GLY C 38 -1.58 -32.54 -5.07
N LYS C 39 -0.86 -33.05 -6.08
CA LYS C 39 -0.54 -34.47 -6.09
C LYS C 39 0.60 -34.81 -5.14
N LEU C 40 1.52 -33.87 -4.94
CA LEU C 40 2.60 -34.09 -3.97
C LEU C 40 2.01 -34.35 -2.61
N ALA C 41 1.09 -33.49 -2.20
CA ALA C 41 0.43 -33.61 -0.91
C ALA C 41 -0.19 -35.01 -0.73
N ASP C 42 -0.82 -35.53 -1.77
CA ASP C 42 -1.52 -36.80 -1.67
C ASP C 42 -0.59 -38.01 -1.77
N GLY C 43 0.67 -37.78 -2.12
CA GLY C 43 1.62 -38.86 -2.27
C GLY C 43 2.58 -39.05 -1.10
N VAL C 44 2.32 -38.34 0.00
CA VAL C 44 3.13 -38.50 1.20
C VAL C 44 3.05 -39.93 1.74
N LYS C 45 4.21 -40.52 2.04
CA LYS C 45 4.24 -41.90 2.54
C LYS C 45 4.00 -42.01 4.05
N ASP C 46 3.36 -43.11 4.45
CA ASP C 46 3.01 -43.33 5.84
C ASP C 46 2.42 -42.07 6.46
N LYS C 47 1.45 -41.48 5.77
CA LYS C 47 0.94 -40.19 6.18
C LYS C 47 -0.05 -40.24 7.32
N ILE C 48 -0.01 -39.18 8.13
CA ILE C 48 -0.96 -38.93 9.19
C ILE C 48 -1.61 -37.59 8.93
N THR C 49 -2.92 -37.61 8.68
CA THR C 49 -3.63 -36.39 8.29
C THR C 49 -4.35 -35.77 9.48
N ILE C 50 -4.07 -34.49 9.72
CA ILE C 50 -4.67 -33.77 10.84
C ILE C 50 -5.40 -32.54 10.31
N PRO C 51 -6.74 -32.58 10.29
CA PRO C 51 -7.55 -31.45 9.81
C PRO C 51 -7.38 -30.24 10.72
N TYR C 52 -7.34 -29.05 10.13
CA TYR C 52 -7.14 -27.84 10.90
C TYR C 52 -8.16 -27.72 12.02
N THR C 53 -9.37 -28.19 11.77
CA THR C 53 -10.47 -28.07 12.73
C THR C 53 -10.16 -28.81 14.03
N LYS C 54 -9.27 -29.80 13.94
CA LYS C 54 -8.93 -30.63 15.08
C LYS C 54 -7.82 -30.04 15.95
N ILE C 55 -7.22 -28.94 15.47
CA ILE C 55 -6.12 -28.30 16.18
C ILE C 55 -6.57 -27.00 16.87
N PRO C 56 -6.79 -27.06 18.18
CA PRO C 56 -7.21 -25.87 18.94
C PRO C 56 -6.31 -24.66 18.67
N ASN C 57 -6.93 -23.54 18.32
CA ASN C 57 -6.25 -22.26 18.07
C ASN C 57 -5.48 -22.19 16.74
N PHE C 58 -5.51 -23.27 15.98
CA PHE C 58 -4.95 -23.25 14.64
C PHE C 58 -5.96 -22.57 13.72
N PRO C 59 -5.49 -21.64 12.87
CA PRO C 59 -6.41 -20.88 12.03
C PRO C 59 -7.21 -21.78 11.11
N GLN C 60 -8.41 -21.34 10.74
CA GLN C 60 -9.32 -22.14 9.95
C GLN C 60 -9.41 -21.64 8.52
N THR C 61 -9.36 -22.55 7.57
CA THR C 61 -9.57 -22.22 6.18
C THR C 61 -10.22 -23.39 5.48
N SER C 62 -11.13 -23.08 4.58
CA SER C 62 -11.88 -24.12 3.88
C SER C 62 -11.84 -23.89 2.38
N VAL C 63 -11.83 -25.00 1.63
CA VAL C 63 -12.17 -24.95 0.22
C VAL C 63 -13.67 -25.25 0.10
N VAL C 64 -14.43 -24.23 -0.28
CA VAL C 64 -15.87 -24.33 -0.31
C VAL C 64 -16.38 -25.28 0.79
N GLY C 65 -15.94 -25.04 2.02
CA GLY C 65 -16.47 -25.74 3.17
C GLY C 65 -15.57 -26.77 3.84
N HIS C 66 -14.71 -27.40 3.06
CA HIS C 66 -13.86 -28.47 3.58
C HIS C 66 -12.56 -27.90 4.19
N SER C 67 -12.32 -28.22 5.46
CA SER C 67 -11.16 -27.74 6.19
C SER C 67 -9.83 -28.21 5.56
N GLY C 68 -8.81 -27.36 5.68
CA GLY C 68 -7.46 -27.74 5.30
C GLY C 68 -6.94 -28.82 6.23
N ASN C 69 -5.81 -29.41 5.85
CA ASN C 69 -5.18 -30.46 6.65
C ASN C 69 -3.69 -30.20 6.84
N LEU C 70 -3.14 -30.59 7.98
CA LEU C 70 -1.70 -30.78 8.10
C LEU C 70 -1.42 -32.25 7.80
N ILE C 71 -0.49 -32.52 6.90
CA ILE C 71 -0.15 -33.90 6.57
C ILE C 71 1.30 -34.24 6.90
N PHE C 72 1.47 -35.23 7.77
CA PHE C 72 2.79 -35.65 8.22
C PHE C 72 3.16 -36.99 7.59
N GLY C 73 4.44 -37.16 7.31
CA GLY C 73 4.93 -38.42 6.77
C GLY C 73 6.31 -38.23 6.16
N THR C 74 6.62 -39.05 5.17
CA THR C 74 7.89 -38.94 4.47
C THR C 74 7.67 -38.72 2.99
N LEU C 75 8.61 -37.98 2.40
CA LEU C 75 8.74 -37.86 0.95
C LEU C 75 10.20 -38.19 0.66
N SER C 76 10.45 -39.08 -0.28
CA SER C 76 11.82 -39.47 -0.62
C SER C 76 12.66 -39.73 0.63
N GLY C 77 12.05 -40.36 1.62
CA GLY C 77 12.76 -40.78 2.82
C GLY C 77 13.06 -39.68 3.83
N ARG C 78 12.49 -38.49 3.62
CA ARG C 78 12.70 -37.38 4.55
C ARG C 78 11.37 -37.03 5.21
N LYS C 79 11.43 -36.64 6.48
CA LYS C 79 10.21 -36.32 7.24
C LYS C 79 9.66 -34.94 6.92
N VAL C 80 8.37 -34.88 6.58
CA VAL C 80 7.76 -33.65 6.14
C VAL C 80 6.45 -33.35 6.86
N VAL C 81 6.08 -32.08 6.84
CA VAL C 81 4.74 -31.64 7.18
C VAL C 81 4.24 -30.81 5.99
N VAL C 82 3.08 -31.18 5.47
CA VAL C 82 2.53 -30.48 4.33
C VAL C 82 1.30 -29.72 4.77
N MET C 83 1.25 -28.44 4.40
CA MET C 83 0.07 -27.63 4.64
C MET C 83 -0.82 -27.71 3.42
N GLN C 84 -1.93 -28.44 3.57
CA GLN C 84 -2.91 -28.53 2.52
C GLN C 84 -4.03 -27.55 2.88
N GLY C 85 -3.95 -26.35 2.32
CA GLY C 85 -4.85 -25.28 2.68
C GLY C 85 -4.04 -24.13 3.20
N ARG C 86 -3.93 -23.06 2.42
CA ARG C 86 -3.16 -21.89 2.84
C ARG C 86 -4.02 -20.69 3.16
N PHE C 87 -3.36 -19.61 3.58
CA PHE C 87 -4.05 -18.45 4.11
C PHE C 87 -3.63 -17.22 3.31
N HIS C 88 -4.50 -16.79 2.41
CA HIS C 88 -4.20 -15.67 1.56
C HIS C 88 -4.70 -14.38 2.18
N MET C 89 -3.93 -13.32 2.06
CA MET C 89 -4.30 -12.07 2.68
C MET C 89 -5.55 -11.50 2.03
N TYR C 90 -5.74 -11.74 0.75
CA TYR C 90 -6.93 -11.19 0.08
C TYR C 90 -8.22 -11.77 0.65
N GLU C 91 -8.10 -12.85 1.42
CA GLU C 91 -9.30 -13.42 2.06
C GLU C 91 -9.65 -12.64 3.33
N GLY C 92 -8.76 -11.75 3.75
CA GLY C 92 -8.95 -10.97 4.96
C GLY C 92 -8.36 -11.58 6.23
N TYR C 93 -7.49 -12.58 6.09
CA TYR C 93 -6.84 -13.16 7.26
C TYR C 93 -5.86 -12.17 7.88
N SER C 94 -5.67 -12.25 9.19
CA SER C 94 -4.77 -11.34 9.89
C SER C 94 -3.30 -11.74 9.73
N ASN C 95 -2.39 -10.81 10.00
CA ASN C 95 -0.97 -11.10 10.02
C ASN C 95 -0.64 -12.28 10.94
N ASP C 96 -1.25 -12.30 12.12
CA ASP C 96 -1.01 -13.36 13.09
C ASP C 96 -1.50 -14.74 12.60
N THR C 97 -2.65 -14.75 11.93
CA THR C 97 -3.22 -16.00 11.44
C THR C 97 -2.27 -16.59 10.39
N VAL C 98 -1.77 -15.74 9.50
CA VAL C 98 -0.84 -16.23 8.46
C VAL C 98 0.51 -16.66 9.03
N ALA C 99 1.00 -15.93 10.04
CA ALA C 99 2.29 -16.25 10.63
C ALA C 99 2.27 -17.52 11.46
N LEU C 100 1.17 -17.79 12.15
CA LEU C 100 1.16 -18.87 13.14
C LEU C 100 1.58 -20.26 12.66
N PRO C 101 1.00 -20.75 11.56
CA PRO C 101 1.40 -22.05 11.02
C PRO C 101 2.90 -22.16 10.74
N ILE C 102 3.53 -21.09 10.27
CA ILE C 102 4.96 -21.12 9.94
C ILE C 102 5.79 -21.20 11.23
N ARG C 103 5.36 -20.47 12.25
CA ARG C 103 6.07 -20.48 13.53
C ARG C 103 5.87 -21.81 14.23
N VAL C 104 4.71 -22.42 14.03
CA VAL C 104 4.49 -23.77 14.53
C VAL C 104 5.46 -24.75 13.85
N MET C 105 5.61 -24.65 12.53
CA MET C 105 6.58 -25.47 11.82
C MET C 105 7.97 -25.33 12.43
N LYS C 106 8.35 -24.11 12.80
CA LYS C 106 9.66 -23.90 13.42
C LYS C 106 9.82 -24.72 14.69
N LEU C 107 8.82 -24.66 15.55
CA LEU C 107 8.89 -25.37 16.83
C LEU C 107 8.80 -26.88 16.64
N LEU C 108 8.14 -27.32 15.58
CA LEU C 108 8.02 -28.74 15.29
C LEU C 108 9.35 -29.32 14.80
N GLY C 109 10.26 -28.46 14.33
CA GLY C 109 11.55 -28.92 13.87
C GLY C 109 11.88 -28.65 12.40
N VAL C 110 11.02 -27.92 11.71
CA VAL C 110 11.23 -27.69 10.29
C VAL C 110 12.47 -26.82 10.07
N LYS C 111 13.31 -27.24 9.13
CA LYS C 111 14.55 -26.52 8.77
C LYS C 111 14.45 -25.85 7.40
N ILE C 112 13.65 -26.43 6.53
CA ILE C 112 13.53 -25.94 5.16
C ILE C 112 12.06 -25.86 4.83
N LEU C 113 11.66 -24.74 4.24
CA LEU C 113 10.29 -24.56 3.74
C LEU C 113 10.28 -24.54 2.21
N MET C 114 9.44 -25.38 1.61
CA MET C 114 9.27 -25.41 0.17
C MET C 114 7.86 -24.97 -0.14
N VAL C 115 7.72 -24.06 -1.10
CA VAL C 115 6.44 -23.46 -1.40
C VAL C 115 6.26 -23.32 -2.90
N SER C 116 5.04 -23.56 -3.38
CA SER C 116 4.69 -23.22 -4.75
C SER C 116 3.57 -22.21 -4.74
N ASN C 117 3.39 -21.53 -5.87
CA ASN C 117 2.22 -20.70 -6.07
C ASN C 117 1.91 -20.61 -7.54
N ALA C 118 0.74 -20.05 -7.85
CA ALA C 118 0.32 -19.73 -9.20
C ALA C 118 0.71 -18.29 -9.46
N ALA C 119 1.26 -17.99 -10.62
CA ALA C 119 1.65 -16.60 -10.92
C ALA C 119 1.36 -16.21 -12.36
N GLY C 120 1.21 -14.91 -12.62
CA GLY C 120 1.14 -14.41 -13.98
C GLY C 120 2.56 -14.17 -14.48
N GLY C 121 2.82 -14.51 -15.74
CA GLY C 121 4.14 -14.33 -16.31
C GLY C 121 4.31 -12.96 -16.94
N LEU C 122 5.12 -12.11 -16.32
CA LEU C 122 5.35 -10.76 -16.83
C LEU C 122 6.49 -10.79 -17.84
N ASN C 123 7.59 -11.41 -17.45
CA ASN C 123 8.73 -11.63 -18.32
C ASN C 123 8.29 -12.27 -19.64
N ARG C 124 8.61 -11.60 -20.74
CA ARG C 124 8.11 -11.99 -22.04
C ARG C 124 8.70 -13.31 -22.57
N SER C 125 9.75 -13.81 -21.92
CA SER C 125 10.36 -15.07 -22.35
CA SER C 125 10.36 -15.07 -22.35
C SER C 125 9.63 -16.28 -21.77
N LEU C 126 8.82 -16.04 -20.73
CA LEU C 126 8.12 -17.13 -20.07
C LEU C 126 7.02 -17.74 -20.92
N LYS C 127 6.81 -19.04 -20.76
CA LYS C 127 5.75 -19.77 -21.42
C LYS C 127 4.77 -20.30 -20.37
N LEU C 128 3.51 -20.40 -20.74
CA LEU C 128 2.51 -21.01 -19.87
C LEU C 128 3.03 -22.37 -19.39
N GLY C 129 2.89 -22.64 -18.10
CA GLY C 129 3.35 -23.92 -17.55
C GLY C 129 4.81 -23.93 -17.12
N ASP C 130 5.53 -22.83 -17.36
CA ASP C 130 6.93 -22.73 -16.94
C ASP C 130 7.02 -22.70 -15.43
N PHE C 131 8.18 -23.10 -14.91
CA PHE C 131 8.46 -23.01 -13.48
C PHE C 131 9.41 -21.84 -13.24
N VAL C 132 9.02 -20.92 -12.38
CA VAL C 132 9.92 -19.84 -12.03
C VAL C 132 10.34 -19.94 -10.56
N ILE C 133 11.57 -20.38 -10.35
CA ILE C 133 12.15 -20.39 -9.01
C ILE C 133 12.35 -18.95 -8.58
N LEU C 134 11.86 -18.61 -7.39
CA LEU C 134 12.01 -17.25 -6.89
C LEU C 134 13.43 -17.07 -6.44
N LYS C 135 14.10 -16.05 -6.95
CA LYS C 135 15.42 -15.73 -6.45
C LYS C 135 15.38 -14.46 -5.63
N ASP C 136 14.29 -13.70 -5.76
CA ASP C 136 14.11 -12.47 -5.00
C ASP C 136 12.65 -12.07 -5.13
N HIS C 137 12.23 -11.08 -4.35
CA HIS C 137 10.85 -10.62 -4.42
C HIS C 137 10.73 -9.12 -4.18
N ILE C 138 9.60 -8.58 -4.61
CA ILE C 138 9.20 -7.22 -4.26
C ILE C 138 7.85 -7.30 -3.55
N TYR C 139 7.86 -6.91 -2.29
CA TYR C 139 6.73 -7.09 -1.39
C TYR C 139 5.96 -5.79 -1.35
N LEU C 140 5.13 -5.54 -2.36
CA LEU C 140 4.43 -4.26 -2.44
C LEU C 140 3.61 -3.93 -1.21
N PRO C 141 2.83 -4.90 -0.67
CA PRO C 141 2.14 -4.59 0.58
C PRO C 141 3.12 -4.23 1.72
N GLY C 142 4.26 -4.90 1.78
CA GLY C 142 5.25 -4.65 2.85
C GLY C 142 5.87 -3.27 2.79
N LEU C 143 6.11 -2.78 1.57
CA LEU C 143 6.68 -1.44 1.38
C LEU C 143 5.66 -0.39 1.77
N GLY C 144 4.37 -0.74 1.68
CA GLY C 144 3.32 0.23 1.97
C GLY C 144 2.60 0.11 3.29
N LEU C 145 3.29 -0.45 4.28
CA LEU C 145 2.74 -0.53 5.66
C LEU C 145 1.79 -1.69 5.90
N ASN C 146 1.74 -2.65 4.98
CA ASN C 146 1.00 -3.88 5.23
C ASN C 146 1.95 -5.08 5.32
N ASN C 147 3.16 -4.85 5.84
CA ASN C 147 4.11 -5.94 6.04
C ASN C 147 3.57 -6.86 7.14
N ILE C 148 3.68 -8.17 6.95
CA ILE C 148 3.13 -9.14 7.92
C ILE C 148 3.76 -9.00 9.34
N LEU C 149 4.96 -8.42 9.42
CA LEU C 149 5.62 -8.22 10.70
C LEU C 149 5.28 -6.91 11.40
N VAL C 150 4.45 -6.07 10.78
CA VAL C 150 4.03 -4.85 11.48
C VAL C 150 3.38 -5.18 12.83
N GLY C 151 3.77 -4.44 13.87
CA GLY C 151 3.26 -4.67 15.20
C GLY C 151 4.39 -5.03 16.14
N PRO C 152 4.07 -5.28 17.42
CA PRO C 152 5.15 -5.71 18.31
C PRO C 152 5.88 -6.91 17.71
N ASN C 153 7.22 -6.89 17.75
CA ASN C 153 8.01 -8.04 17.34
C ASN C 153 7.87 -9.18 18.35
N GLN C 154 7.70 -10.40 17.86
CA GLN C 154 7.71 -11.57 18.74
C GLN C 154 9.16 -12.05 18.83
N GLU C 155 9.87 -11.56 19.84
CA GLU C 155 11.31 -11.78 19.99
C GLU C 155 11.66 -13.26 20.02
N ALA C 156 10.76 -14.08 20.55
CA ALA C 156 10.95 -15.52 20.59
C ALA C 156 11.32 -16.11 19.24
N PHE C 157 10.82 -15.49 18.16
CA PHE C 157 10.96 -16.05 16.82
C PHE C 157 12.02 -15.41 15.97
N GLY C 158 12.26 -14.12 16.16
CA GLY C 158 13.28 -13.47 15.37
C GLY C 158 13.47 -12.02 15.71
N THR C 159 14.33 -11.33 14.94
CA THR C 159 14.74 -9.99 15.28
C THR C 159 13.76 -8.93 14.77
N ARG C 160 13.86 -7.71 15.30
CA ARG C 160 12.92 -6.64 14.93
C ARG C 160 12.98 -6.29 13.43
N PHE C 161 14.19 -6.16 12.91
CA PHE C 161 14.37 -5.77 11.52
C PHE C 161 15.08 -6.87 10.75
N PRO C 162 14.34 -7.84 10.23
CA PRO C 162 15.02 -8.95 9.54
C PRO C 162 15.62 -8.49 8.22
N ALA C 163 16.80 -9.02 7.92
CA ALA C 163 17.45 -8.85 6.65
C ALA C 163 16.85 -9.90 5.71
N LEU C 164 16.70 -9.54 4.45
CA LEU C 164 16.14 -10.49 3.50
C LEU C 164 17.17 -10.82 2.41
N SER C 165 18.44 -10.62 2.73
CA SER C 165 19.55 -10.73 1.78
C SER C 165 19.57 -11.97 0.87
N ASN C 166 19.66 -13.14 1.48
CA ASN C 166 19.66 -14.43 0.78
C ASN C 166 18.34 -15.15 1.13
N ALA C 167 17.23 -14.44 0.96
CA ALA C 167 15.91 -14.97 1.36
C ALA C 167 15.56 -16.27 0.66
N TYR C 168 15.91 -16.36 -0.62
CA TYR C 168 15.65 -17.58 -1.37
C TYR C 168 16.97 -18.33 -1.49
N ASP C 169 17.17 -19.28 -0.59
CA ASP C 169 18.48 -19.86 -0.36
C ASP C 169 19.18 -20.22 -1.65
N ARG C 170 20.36 -19.66 -1.87
CA ARG C 170 21.07 -19.85 -3.14
C ARG C 170 21.46 -21.31 -3.39
N ASP C 171 21.77 -22.06 -2.34
CA ASP C 171 22.11 -23.46 -2.49
C ASP C 171 20.91 -24.33 -2.91
N LEU C 172 19.74 -24.06 -2.34
CA LEU C 172 18.54 -24.78 -2.73
C LEU C 172 18.16 -24.47 -4.17
N ARG C 173 18.29 -23.21 -4.57
CA ARG C 173 17.99 -22.83 -5.95
C ARG C 173 18.93 -23.58 -6.92
N LYS C 174 20.24 -23.56 -6.64
CA LYS C 174 21.19 -24.34 -7.41
C LYS C 174 20.80 -25.82 -7.52
N LEU C 175 20.47 -26.44 -6.40
CA LEU C 175 20.07 -27.86 -6.42
C LEU C 175 18.85 -28.09 -7.32
N ALA C 176 17.83 -27.26 -7.15
CA ALA C 176 16.58 -27.40 -7.90
C ALA C 176 16.82 -27.35 -9.40
N VAL C 177 17.65 -26.40 -9.83
CA VAL C 177 17.99 -26.30 -11.24
C VAL C 177 18.72 -27.54 -11.72
N GLN C 178 19.65 -28.02 -10.89
CA GLN C 178 20.44 -29.20 -11.25
C GLN C 178 19.54 -30.42 -11.45
N VAL C 179 18.59 -30.59 -10.55
CA VAL C 179 17.65 -31.71 -10.63
C VAL C 179 16.79 -31.61 -11.88
N ALA C 180 16.28 -30.42 -12.16
CA ALA C 180 15.48 -30.24 -13.38
C ALA C 180 16.33 -30.58 -14.60
N GLU C 181 17.56 -30.09 -14.61
CA GLU C 181 18.46 -30.29 -15.75
C GLU C 181 18.78 -31.77 -15.95
N GLU C 182 19.12 -32.45 -14.87
CA GLU C 182 19.44 -33.87 -14.86
C GLU C 182 18.28 -34.72 -15.36
N ASN C 183 17.05 -34.29 -15.08
CA ASN C 183 15.88 -35.11 -15.39
C ASN C 183 15.15 -34.67 -16.64
N GLY C 184 15.81 -33.85 -17.45
CA GLY C 184 15.35 -33.53 -18.79
C GLY C 184 14.33 -32.42 -18.94
N PHE C 185 14.07 -31.64 -17.90
CA PHE C 185 13.14 -30.53 -18.01
C PHE C 185 13.73 -29.19 -17.62
N GLY C 186 15.05 -29.07 -17.76
CA GLY C 186 15.73 -27.82 -17.51
C GLY C 186 15.18 -26.68 -18.34
N ASN C 187 14.59 -26.99 -19.49
CA ASN C 187 14.06 -25.96 -20.38
C ASN C 187 12.85 -25.23 -19.79
N LEU C 188 12.14 -25.89 -18.89
CA LEU C 188 10.96 -25.29 -18.26
C LEU C 188 11.29 -24.44 -17.04
N VAL C 189 12.52 -24.52 -16.56
CA VAL C 189 12.88 -23.90 -15.30
C VAL C 189 13.59 -22.57 -15.48
N HIS C 190 13.08 -21.54 -14.82
CA HIS C 190 13.73 -20.24 -14.84
C HIS C 190 13.91 -19.78 -13.40
N GLN C 191 14.64 -18.70 -13.22
CA GLN C 191 14.70 -18.05 -11.92
C GLN C 191 14.30 -16.60 -12.12
N GLY C 192 13.63 -16.00 -11.15
CA GLY C 192 13.12 -14.67 -11.37
C GLY C 192 12.69 -13.96 -10.12
N VAL C 193 12.27 -12.70 -10.31
CA VAL C 193 11.80 -11.88 -9.23
C VAL C 193 10.28 -11.95 -9.21
N TYR C 194 9.74 -12.24 -8.04
CA TYR C 194 8.30 -12.31 -7.83
C TYR C 194 7.80 -11.07 -7.12
N VAL C 195 6.76 -10.46 -7.67
CA VAL C 195 6.16 -9.31 -6.99
C VAL C 195 4.76 -9.68 -6.50
N MET C 196 4.45 -9.24 -5.28
CA MET C 196 3.15 -9.52 -4.73
C MET C 196 2.14 -8.43 -5.00
N ASN C 197 0.99 -8.82 -5.56
CA ASN C 197 -0.19 -7.98 -5.65
C ASN C 197 -1.14 -8.48 -4.58
N GLY C 198 -1.52 -7.61 -3.65
CA GLY C 198 -2.42 -7.99 -2.58
C GLY C 198 -3.66 -8.70 -3.10
N GLY C 199 -4.16 -8.26 -4.24
CA GLY C 199 -5.32 -8.91 -4.85
C GLY C 199 -6.63 -8.54 -4.15
N PRO C 200 -7.74 -9.20 -4.54
CA PRO C 200 -7.79 -10.39 -5.40
C PRO C 200 -8.08 -10.13 -6.88
N CYS C 201 -8.13 -8.87 -7.31
CA CYS C 201 -8.17 -8.60 -8.75
C CYS C 201 -6.91 -9.06 -9.46
N TYR C 202 -7.08 -9.62 -10.67
CA TYR C 202 -5.94 -9.81 -11.55
C TYR C 202 -5.40 -8.41 -11.90
N GLU C 203 -4.16 -8.37 -12.33
CA GLU C 203 -3.50 -7.12 -12.67
C GLU C 203 -4.02 -6.53 -13.98
N THR C 204 -4.20 -5.21 -14.03
CA THR C 204 -4.55 -4.56 -15.30
C THR C 204 -3.34 -4.58 -16.20
N PRO C 205 -3.53 -4.30 -17.50
CA PRO C 205 -2.37 -4.19 -18.39
C PRO C 205 -1.40 -3.10 -17.98
N ALA C 206 -1.91 -1.95 -17.54
CA ALA C 206 -1.04 -0.87 -17.09
C ALA C 206 -0.24 -1.31 -15.85
N GLU C 207 -0.89 -2.03 -14.94
CA GLU C 207 -0.20 -2.57 -13.78
C GLU C 207 0.88 -3.58 -14.19
N CYS C 208 0.56 -4.47 -15.13
CA CYS C 208 1.57 -5.45 -15.58
C CYS C 208 2.76 -4.76 -16.25
N THR C 209 2.48 -3.74 -17.07
CA THR C 209 3.55 -3.00 -17.73
C THR C 209 4.47 -2.36 -16.69
N MET C 210 3.88 -1.70 -15.70
CA MET C 210 4.66 -1.09 -14.61
C MET C 210 5.46 -2.14 -13.86
N LEU C 211 4.83 -3.24 -13.47
CA LEU C 211 5.54 -4.28 -12.74
C LEU C 211 6.71 -4.86 -13.55
N LEU C 212 6.49 -5.11 -14.84
CA LEU C 212 7.56 -5.63 -15.69
C LEU C 212 8.72 -4.66 -15.75
N ASN C 213 8.41 -3.37 -15.91
CA ASN C 213 9.45 -2.36 -16.01
C ASN C 213 10.14 -2.08 -14.68
N MET C 214 9.54 -2.51 -13.58
CA MET C 214 10.19 -2.46 -12.27
C MET C 214 11.24 -3.55 -12.11
N GLY C 215 11.24 -4.52 -13.02
CA GLY C 215 12.14 -5.64 -12.93
C GLY C 215 11.53 -6.91 -12.36
N CYS C 216 10.20 -7.05 -12.46
CA CYS C 216 9.53 -8.25 -11.98
C CYS C 216 9.33 -9.26 -13.09
N ASP C 217 9.48 -10.53 -12.75
CA ASP C 217 9.33 -11.61 -13.72
C ASP C 217 7.94 -12.27 -13.66
N VAL C 218 7.43 -12.43 -12.45
CA VAL C 218 6.12 -13.01 -12.24
C VAL C 218 5.37 -12.25 -11.16
N VAL C 219 4.05 -12.27 -11.20
CA VAL C 219 3.26 -11.57 -10.19
C VAL C 219 2.21 -12.51 -9.59
N GLY C 220 2.05 -12.46 -8.28
CA GLY C 220 1.08 -13.32 -7.63
C GLY C 220 0.55 -12.66 -6.39
N MET C 221 -0.34 -13.36 -5.69
CA MET C 221 -1.07 -12.77 -4.57
C MET C 221 -0.75 -13.47 -3.24
N SER C 222 0.31 -14.28 -3.19
CA SER C 222 0.54 -15.11 -2.01
C SER C 222 2.03 -15.19 -1.70
N THR C 223 2.37 -16.05 -0.74
CA THR C 223 3.74 -16.52 -0.56
C THR C 223 4.73 -15.58 0.14
N ILE C 224 4.84 -14.34 -0.31
CA ILE C 224 5.83 -13.47 0.31
C ILE C 224 5.62 -13.37 1.84
N PRO C 225 4.36 -13.20 2.29
CA PRO C 225 4.20 -13.10 3.75
C PRO C 225 4.75 -14.33 4.48
N GLU C 226 4.49 -15.53 3.96
CA GLU C 226 4.98 -16.74 4.62
C GLU C 226 6.51 -16.76 4.61
N VAL C 227 7.09 -16.33 3.49
CA VAL C 227 8.54 -16.31 3.32
C VAL C 227 9.16 -15.36 4.33
N VAL C 228 8.53 -14.20 4.52
CA VAL C 228 9.02 -13.25 5.51
C VAL C 228 9.03 -13.86 6.90
N ILE C 229 7.93 -14.52 7.27
CA ILE C 229 7.86 -15.15 8.59
C ILE C 229 8.90 -16.28 8.67
N ALA C 230 9.05 -17.05 7.60
CA ALA C 230 10.04 -18.13 7.59
C ALA C 230 11.46 -17.59 7.80
N ARG C 231 11.83 -16.55 7.06
CA ARG C 231 13.18 -16.01 7.18
C ARG C 231 13.39 -15.38 8.56
N HIS C 232 12.35 -14.73 9.04
CA HIS C 232 12.39 -14.10 10.35
C HIS C 232 12.80 -15.12 11.41
N CYS C 233 12.27 -16.35 11.32
CA CYS C 233 12.59 -17.36 12.33
C CYS C 233 13.68 -18.37 11.89
N GLY C 234 14.39 -18.05 10.81
CA GLY C 234 15.57 -18.78 10.43
C GLY C 234 15.34 -20.08 9.67
N ILE C 235 14.18 -20.22 9.04
CA ILE C 235 13.90 -21.38 8.18
C ILE C 235 14.39 -21.04 6.77
N GLN C 236 15.13 -21.95 6.15
CA GLN C 236 15.56 -21.76 4.77
C GLN C 236 14.36 -21.87 3.84
N VAL C 237 14.37 -21.09 2.77
CA VAL C 237 13.24 -21.06 1.84
C VAL C 237 13.57 -21.45 0.40
N PHE C 238 12.73 -22.32 -0.15
CA PHE C 238 12.68 -22.60 -1.56
C PHE C 238 11.24 -22.37 -2.04
N ALA C 239 11.08 -21.51 -3.04
CA ALA C 239 9.75 -21.21 -3.56
C ALA C 239 9.76 -21.20 -5.09
N VAL C 240 8.68 -21.69 -5.68
CA VAL C 240 8.56 -21.72 -7.12
C VAL C 240 7.19 -21.24 -7.56
N SER C 241 7.18 -20.40 -8.59
CA SER C 241 5.94 -19.95 -9.21
C SER C 241 5.70 -20.79 -10.46
N LEU C 242 4.47 -21.27 -10.61
CA LEU C 242 4.05 -21.95 -11.83
C LEU C 242 3.39 -20.87 -12.67
N VAL C 243 3.85 -20.71 -13.91
CA VAL C 243 3.28 -19.68 -14.76
C VAL C 243 1.90 -20.13 -15.24
N THR C 244 0.85 -19.61 -14.62
CA THR C 244 -0.53 -20.05 -14.90
C THR C 244 -1.28 -19.08 -15.83
N ASN C 245 -0.71 -17.91 -16.06
CA ASN C 245 -1.22 -17.00 -17.07
C ASN C 245 -0.07 -16.20 -17.65
N ILE C 246 -0.15 -15.84 -18.93
CA ILE C 246 0.80 -14.88 -19.48
C ILE C 246 0.17 -13.51 -19.31
N SER C 247 0.81 -12.64 -18.55
CA SER C 247 0.27 -11.31 -18.28
C SER C 247 -0.03 -10.56 -19.57
N VAL C 248 -1.22 -9.97 -19.63
CA VAL C 248 -1.63 -9.13 -20.74
C VAL C 248 -1.19 -7.70 -20.51
N LEU C 249 -0.40 -7.14 -21.44
CA LEU C 249 0.17 -5.82 -21.22
C LEU C 249 -0.50 -4.73 -22.06
N ASP C 250 -1.35 -5.15 -22.98
CA ASP C 250 -2.00 -4.27 -23.93
C ASP C 250 -3.49 -4.21 -23.62
N VAL C 251 -4.00 -3.01 -23.38
CA VAL C 251 -5.39 -2.86 -22.98
C VAL C 251 -6.36 -3.17 -24.13
N GLU C 252 -5.87 -3.13 -25.36
CA GLU C 252 -6.71 -3.39 -26.53
C GLU C 252 -6.80 -4.89 -26.82
N SER C 253 -6.47 -5.72 -25.84
CA SER C 253 -6.55 -7.17 -25.98
C SER C 253 -7.87 -7.72 -25.42
N ASP C 254 -8.33 -8.83 -25.98
CA ASP C 254 -9.56 -9.47 -25.50
C ASP C 254 -9.29 -10.70 -24.64
N LEU C 255 -8.02 -11.08 -24.52
CA LEU C 255 -7.63 -12.20 -23.66
C LEU C 255 -7.58 -11.77 -22.20
N LYS C 256 -8.39 -12.42 -21.36
CA LYS C 256 -8.46 -12.07 -19.95
C LYS C 256 -8.23 -13.28 -19.05
N PRO C 257 -7.47 -13.09 -17.96
CA PRO C 257 -7.15 -14.18 -17.04
C PRO C 257 -8.42 -14.73 -16.40
N ASN C 258 -8.45 -16.03 -16.13
CA ASN C 258 -9.55 -16.64 -15.39
C ASN C 258 -9.04 -17.76 -14.51
N HIS C 259 -9.53 -17.81 -13.27
CA HIS C 259 -9.03 -18.78 -12.31
C HIS C 259 -9.21 -20.21 -12.80
N GLU C 260 -10.11 -20.41 -13.76
CA GLU C 260 -10.43 -21.74 -14.25
C GLU C 260 -9.26 -22.32 -15.03
N GLU C 261 -8.70 -21.52 -15.94
CA GLU C 261 -7.51 -21.93 -16.68
C GLU C 261 -6.27 -22.00 -15.80
N VAL C 262 -6.18 -21.08 -14.83
CA VAL C 262 -5.17 -21.17 -13.78
C VAL C 262 -5.19 -22.54 -13.08
N LEU C 263 -6.38 -23.00 -12.72
CA LEU C 263 -6.52 -24.32 -12.08
C LEU C 263 -6.10 -25.44 -13.02
N ALA C 264 -6.49 -25.31 -14.30
CA ALA C 264 -6.13 -26.26 -15.34
C ALA C 264 -4.61 -26.38 -15.51
N THR C 265 -3.92 -25.25 -15.56
CA THR C 265 -2.46 -25.27 -15.70
C THR C 265 -1.84 -25.99 -14.51
N GLY C 266 -2.31 -25.65 -13.32
CA GLY C 266 -1.88 -26.33 -12.11
C GLY C 266 -2.09 -27.83 -12.21
N ALA C 267 -3.26 -28.23 -12.70
CA ALA C 267 -3.59 -29.64 -12.82
C ALA C 267 -2.69 -30.39 -13.82
N GLN C 268 -2.42 -29.75 -14.95
CA GLN C 268 -1.59 -30.36 -15.97
C GLN C 268 -0.11 -30.43 -15.59
N ARG C 269 0.33 -29.55 -14.70
CA ARG C 269 1.74 -29.54 -14.31
C ARG C 269 2.01 -30.21 -12.95
N ALA C 270 0.94 -30.61 -12.26
CA ALA C 270 1.07 -31.19 -10.94
C ALA C 270 1.95 -32.44 -10.91
N GLU C 271 1.79 -33.29 -11.91
CA GLU C 271 2.56 -34.52 -11.95
C GLU C 271 4.05 -34.22 -12.06
N LEU C 272 4.41 -33.32 -12.97
CA LEU C 272 5.82 -32.95 -13.14
C LEU C 272 6.38 -32.22 -11.91
N MET C 273 5.58 -31.35 -11.30
CA MET C 273 6.06 -30.61 -10.14
C MET C 273 6.27 -31.56 -8.96
N GLN C 274 5.38 -32.52 -8.80
CA GLN C 274 5.54 -33.54 -7.77
C GLN C 274 6.87 -34.28 -7.98
N SER C 275 7.08 -34.78 -9.19
CA SER C 275 8.31 -35.50 -9.50
C SER C 275 9.51 -34.63 -9.13
N TRP C 276 9.45 -33.36 -9.52
CA TRP C 276 10.55 -32.44 -9.29
C TRP C 276 10.83 -32.26 -7.80
N PHE C 277 9.79 -31.96 -7.03
CA PHE C 277 9.95 -31.76 -5.60
C PHE C 277 10.44 -33.03 -4.90
N GLU C 278 9.89 -34.18 -5.27
CA GLU C 278 10.34 -35.43 -4.67
C GLU C 278 11.83 -35.63 -4.91
N LYS C 279 12.27 -35.29 -6.12
CA LYS C 279 13.65 -35.52 -6.52
C LYS C 279 14.60 -34.51 -5.91
N ILE C 280 14.09 -33.30 -5.67
CA ILE C 280 14.83 -32.31 -4.91
C ILE C 280 14.97 -32.73 -3.45
N ILE C 281 13.86 -33.19 -2.86
CA ILE C 281 13.88 -33.55 -1.45
C ILE C 281 14.86 -34.70 -1.20
N GLU C 282 14.89 -35.65 -2.12
CA GLU C 282 15.83 -36.78 -2.04
C GLU C 282 17.29 -36.33 -1.92
N LYS C 283 17.62 -35.20 -2.53
CA LYS C 283 19.00 -34.72 -2.58
C LYS C 283 19.29 -33.55 -1.66
N LEU C 284 18.34 -33.21 -0.81
CA LEU C 284 18.57 -32.14 0.16
C LEU C 284 19.69 -32.56 1.13
N PRO C 285 20.63 -31.65 1.42
CA PRO C 285 21.82 -32.01 2.19
C PRO C 285 21.50 -32.51 3.60
N LYS C 286 22.36 -33.40 4.10
CA LYS C 286 22.33 -33.95 5.46
C LYS C 286 21.38 -35.13 5.68
N ASP C 287 21.57 -36.19 4.90
CA ASP C 287 20.85 -37.44 5.11
C ASP C 287 21.75 -38.62 4.73
#